data_6HPU
#
_entry.id   6HPU
#
_cell.length_a   209.850
_cell.length_b   209.850
_cell.length_c   78.885
_cell.angle_alpha   90.00
_cell.angle_beta   90.00
_cell.angle_gamma   120.00
#
_symmetry.space_group_name_H-M   'P 32 2 1'
#
loop_
_entity.id
_entity.type
_entity.pdbx_description
1 polymer 'ATP-dependent DNA helicase PIF1'
2 non-polymer "ADENOSINE-5'-DIPHOSPHATE"
3 non-polymer 'TETRAFLUOROALUMINATE ION'
4 non-polymer 'MAGNESIUM ION'
#
_entity_poly.entity_id   1
_entity_poly.type   'polypeptide(L)'
_entity_poly.pdbx_seq_one_letter_code
;SRMQLSEEQAAVLRAVLKGQSIFFTGSAGTGKSYLLKRILGSLPPTGTVATASTGVAACHIGGTTLHAFAGIGSGQAPLA
QCVALAQRPGVRQGWLNCQRLVIDEISMVEADLFDKLEAVARAVRQQNKPFGGIQLIICGDFLQLPPVTKGSQPPRFCFQ
SKSWKRCVPVTLELTKVWRQADQTFISLLQAVRLGRCSDEVTRQLQATASHKVGRDGIVATRLCTHQDDVALTNERRLQE
LPGKVHRFEAMDSNPELASTLDAQCPVSQLLQLKLGAQVMLVKNLSVSRGLVNGARGVVVGFEAEGRGLPQVRFLCGVTE
VIHADRWTVQATGGQLLSRQQLPLQLAWAMSIHKSQGMTLDCVEISLGRVFASGQAYVALSRARSLQGLRVLDFDPMAVR
CDPRVLHFYATLRRGRSL
;
_entity_poly.pdbx_strand_id   A,B
#
# COMPACT_ATOMS: atom_id res chain seq x y z
N SER A 1 -8.78 13.03 -20.78
CA SER A 1 -8.66 14.20 -21.72
C SER A 1 -7.18 14.62 -21.80
N ARG A 2 -6.30 13.63 -22.03
CA ARG A 2 -4.83 13.76 -21.86
C ARG A 2 -4.19 14.13 -23.21
N MET A 3 -3.04 14.81 -23.12
CA MET A 3 -2.36 15.40 -24.27
C MET A 3 -1.56 14.33 -25.04
N GLN A 4 -1.10 14.72 -26.23
CA GLN A 4 -0.40 13.83 -27.17
C GLN A 4 1.03 13.54 -26.68
N LEU A 5 1.54 12.32 -26.90
CA LEU A 5 2.96 11.95 -26.60
C LEU A 5 3.84 12.25 -27.83
N SER A 6 5.03 12.85 -27.63
CA SER A 6 6.08 13.01 -28.70
C SER A 6 6.42 11.65 -29.33
N GLU A 7 6.77 11.67 -30.62
CA GLU A 7 7.17 10.47 -31.38
C GLU A 7 8.29 9.73 -30.65
N GLU A 8 9.08 10.51 -29.90
CA GLU A 8 10.14 10.03 -29.02
C GLU A 8 9.53 9.44 -27.75
N GLN A 9 8.77 10.28 -27.02
CA GLN A 9 8.11 9.91 -25.77
C GLN A 9 7.45 8.54 -25.97
N ALA A 10 6.73 8.40 -27.10
CA ALA A 10 5.98 7.19 -27.48
C ALA A 10 6.94 6.02 -27.70
N ALA A 11 8.04 6.27 -28.40
CA ALA A 11 8.96 5.21 -28.74
C ALA A 11 9.57 4.58 -27.47
N VAL A 12 9.74 5.38 -26.41
CA VAL A 12 10.31 4.91 -25.14
C VAL A 12 9.35 3.89 -24.53
N LEU A 13 8.09 4.31 -24.41
CA LEU A 13 6.98 3.49 -23.90
C LEU A 13 6.91 2.17 -24.70
N ARG A 14 6.75 2.29 -26.02
CA ARG A 14 6.71 1.13 -26.90
C ARG A 14 7.86 0.20 -26.48
N ALA A 15 9.07 0.75 -26.31
CA ALA A 15 10.29 -0.01 -25.97
C ALA A 15 10.24 -0.60 -24.56
N VAL A 16 9.78 0.19 -23.58
CA VAL A 16 9.68 -0.25 -22.18
C VAL A 16 8.69 -1.41 -22.08
N LEU A 17 7.58 -1.32 -22.82
CA LEU A 17 6.49 -2.29 -22.75
C LEU A 17 6.96 -3.66 -23.23
N LYS A 18 7.59 -3.68 -24.41
CA LYS A 18 8.24 -4.89 -24.89
C LYS A 18 8.82 -5.61 -23.66
N GLY A 19 9.70 -4.88 -22.95
CA GLY A 19 10.23 -5.26 -21.65
C GLY A 19 11.73 -5.00 -21.54
N GLN A 20 12.18 -3.83 -22.01
CA GLN A 20 13.61 -3.50 -22.10
C GLN A 20 14.02 -2.63 -20.91
N SER A 21 15.15 -2.98 -20.29
CA SER A 21 15.70 -2.23 -19.17
C SER A 21 16.30 -0.93 -19.70
N ILE A 22 15.46 -0.01 -20.17
CA ILE A 22 16.00 1.18 -20.83
C ILE A 22 16.12 2.33 -19.82
N PHE A 23 17.04 3.24 -20.16
CA PHE A 23 17.20 4.50 -19.51
C PHE A 23 16.82 5.56 -20.54
N PHE A 24 16.29 6.70 -20.08
CA PHE A 24 15.96 7.82 -20.98
C PHE A 24 16.41 9.14 -20.32
N THR A 25 16.74 10.13 -21.16
CA THR A 25 17.33 11.37 -20.66
C THR A 25 17.34 12.49 -21.72
N GLY A 26 17.27 13.71 -21.19
CA GLY A 26 17.17 14.97 -21.94
C GLY A 26 16.90 16.11 -20.97
N SER A 27 16.80 17.34 -21.49
CA SER A 27 16.96 18.58 -20.73
C SER A 27 15.87 18.76 -19.66
N ALA A 28 15.97 19.89 -18.94
CA ALA A 28 15.00 20.32 -17.95
C ALA A 28 13.68 20.72 -18.62
N GLY A 29 12.66 19.88 -18.39
CA GLY A 29 11.28 20.14 -18.75
C GLY A 29 10.88 19.49 -20.07
N THR A 30 11.45 18.32 -20.36
CA THR A 30 11.19 17.64 -21.63
C THR A 30 10.36 16.37 -21.39
N GLY A 31 9.55 16.38 -20.32
CA GLY A 31 8.63 15.30 -20.04
C GLY A 31 9.33 14.01 -19.69
N LYS A 32 10.39 14.09 -18.89
CA LYS A 32 11.00 12.91 -18.31
C LYS A 32 10.04 12.35 -17.25
N SER A 33 9.83 13.14 -16.19
CA SER A 33 8.92 12.78 -15.10
C SER A 33 7.58 12.31 -15.69
N TYR A 34 6.91 13.18 -16.46
CA TYR A 34 5.52 12.95 -16.91
C TYR A 34 5.40 11.63 -17.66
N LEU A 35 6.33 11.35 -18.59
CA LEU A 35 6.36 10.08 -19.34
C LEU A 35 6.33 8.89 -18.37
N LEU A 36 7.00 9.00 -17.22
CA LEU A 36 6.99 7.95 -16.18
C LEU A 36 5.56 7.74 -15.66
N LYS A 37 4.83 8.83 -15.49
CA LYS A 37 3.49 8.71 -14.97
C LYS A 37 2.65 7.92 -16.00
N ARG A 38 2.82 8.18 -17.31
CA ARG A 38 2.03 7.52 -18.36
C ARG A 38 2.53 6.09 -18.57
N ILE A 39 3.81 5.82 -18.28
CA ILE A 39 4.40 4.44 -18.28
C ILE A 39 3.79 3.64 -17.11
N LEU A 40 3.72 4.27 -15.94
CA LEU A 40 3.14 3.67 -14.74
C LEU A 40 1.64 3.42 -14.95
N GLY A 41 1.04 4.18 -15.86
CA GLY A 41 -0.33 3.97 -16.34
C GLY A 41 -0.46 2.75 -17.25
N SER A 42 0.59 2.44 -18.01
CA SER A 42 0.54 1.39 -19.00
C SER A 42 1.13 0.08 -18.46
N LEU A 43 1.89 0.13 -17.36
CA LEU A 43 2.55 -1.09 -16.90
C LEU A 43 1.61 -1.88 -16.01
N PRO A 44 1.41 -3.20 -16.29
CA PRO A 44 0.76 -4.10 -15.35
C PRO A 44 1.33 -3.76 -13.97
N PRO A 45 0.45 -3.39 -13.01
CA PRO A 45 0.89 -2.73 -11.80
C PRO A 45 1.25 -3.68 -10.65
N THR A 46 1.23 -4.98 -10.89
CA THR A 46 1.76 -5.93 -9.89
C THR A 46 3.28 -6.12 -10.09
N GLY A 47 4.01 -6.05 -8.97
CA GLY A 47 5.48 -6.07 -8.90
C GLY A 47 6.10 -4.98 -9.76
N THR A 48 5.46 -3.81 -9.76
CA THR A 48 5.94 -2.66 -10.49
C THR A 48 6.08 -1.53 -9.47
N VAL A 49 7.32 -1.13 -9.20
CA VAL A 49 7.62 -0.22 -8.09
C VAL A 49 8.07 1.11 -8.71
N ALA A 50 7.86 2.22 -8.00
CA ALA A 50 8.34 3.53 -8.47
C ALA A 50 9.13 4.23 -7.36
N THR A 51 10.16 5.00 -7.78
CA THR A 51 11.11 5.64 -6.86
C THR A 51 11.76 6.88 -7.47
N ALA A 52 12.42 7.64 -6.60
CA ALA A 52 13.29 8.71 -7.02
C ALA A 52 14.44 8.90 -6.01
N SER A 53 15.44 9.68 -6.45
CA SER A 53 16.42 10.33 -5.60
C SER A 53 15.75 11.03 -4.39
N THR A 54 15.22 12.25 -4.56
CA THR A 54 14.67 13.09 -3.46
C THR A 54 13.29 12.60 -2.99
N GLY A 55 13.06 12.75 -1.67
CA GLY A 55 11.83 12.32 -1.00
C GLY A 55 10.63 13.14 -1.43
N VAL A 56 10.95 14.29 -2.02
CA VAL A 56 9.97 15.16 -2.57
C VAL A 56 9.65 14.71 -4.00
N ALA A 57 10.66 14.46 -4.83
CA ALA A 57 10.42 14.15 -6.26
C ALA A 57 9.83 12.75 -6.44
N ALA A 58 9.62 12.06 -5.31
CA ALA A 58 8.80 10.86 -5.21
C ALA A 58 7.35 11.23 -4.85
N CYS A 59 7.11 12.00 -3.76
CA CYS A 59 5.73 12.48 -3.42
C CYS A 59 5.08 13.10 -4.67
N HIS A 60 5.92 13.44 -5.67
CA HIS A 60 5.58 14.02 -7.03
C HIS A 60 5.06 12.96 -8.00
N ILE A 61 5.67 11.77 -8.02
CA ILE A 61 5.24 10.67 -8.92
C ILE A 61 4.79 9.46 -8.10
N GLY A 62 4.60 9.64 -6.79
CA GLY A 62 3.76 8.76 -5.96
C GLY A 62 4.45 7.48 -5.52
N GLY A 63 5.79 7.53 -5.46
CA GLY A 63 6.58 6.42 -4.98
C GLY A 63 7.32 6.79 -3.70
N THR A 64 8.47 6.14 -3.51
CA THR A 64 9.30 6.39 -2.36
C THR A 64 10.75 6.48 -2.85
N THR A 65 11.64 6.95 -1.97
CA THR A 65 13.05 7.14 -2.27
C THR A 65 13.74 5.77 -2.37
N LEU A 66 14.61 5.65 -3.37
CA LEU A 66 15.35 4.42 -3.61
C LEU A 66 15.93 3.90 -2.30
N HIS A 67 16.34 4.86 -1.45
CA HIS A 67 16.78 4.63 -0.08
C HIS A 67 15.76 3.75 0.65
N ALA A 68 14.56 4.28 0.92
CA ALA A 68 13.61 3.62 1.84
C ALA A 68 13.19 2.25 1.30
N PHE A 69 13.12 2.11 -0.03
CA PHE A 69 12.75 0.87 -0.68
C PHE A 69 13.74 -0.25 -0.34
N ALA A 70 15.01 0.04 -0.67
CA ALA A 70 16.10 -0.92 -0.71
C ALA A 70 16.48 -1.36 0.71
N GLY A 71 16.36 -0.44 1.68
CA GLY A 71 16.42 -0.79 3.10
C GLY A 71 17.81 -1.20 3.53
N ILE A 72 18.78 -0.34 3.19
CA ILE A 72 20.17 -0.51 3.53
C ILE A 72 20.75 0.84 3.96
N GLY A 73 19.91 1.72 4.52
CA GLY A 73 20.35 3.06 4.89
C GLY A 73 21.25 3.63 3.81
N SER A 74 22.43 4.13 4.22
CA SER A 74 23.31 4.94 3.37
C SER A 74 24.07 4.10 2.32
N GLY A 75 24.18 2.77 2.51
CA GLY A 75 24.92 1.86 1.62
C GLY A 75 26.45 1.97 1.78
N GLN A 76 26.88 2.48 2.94
CA GLN A 76 28.29 2.65 3.27
C GLN A 76 28.92 1.26 3.44
N ALA A 77 28.36 0.49 4.37
CA ALA A 77 28.95 -0.76 4.83
C ALA A 77 29.03 -1.76 3.68
N PRO A 78 29.73 -2.89 3.90
CA PRO A 78 30.03 -3.86 2.83
C PRO A 78 28.83 -4.67 2.31
N LEU A 79 29.06 -5.35 1.18
CA LEU A 79 28.11 -6.20 0.47
C LEU A 79 27.46 -7.24 1.39
N ALA A 80 28.13 -7.61 2.50
CA ALA A 80 27.64 -8.66 3.41
C ALA A 80 26.74 -8.08 4.51
N GLN A 81 26.98 -6.83 4.92
CA GLN A 81 26.08 -6.14 5.83
C GLN A 81 24.80 -5.77 5.10
N CYS A 82 24.96 -5.19 3.89
CA CYS A 82 23.87 -4.68 3.02
C CYS A 82 22.83 -5.75 2.68
N VAL A 83 23.26 -7.01 2.53
CA VAL A 83 22.37 -8.14 2.21
C VAL A 83 21.79 -8.72 3.50
N ALA A 84 22.36 -8.35 4.65
CA ALA A 84 21.74 -8.61 5.96
C ALA A 84 20.37 -7.92 5.97
N LEU A 85 20.42 -6.64 5.59
CA LEU A 85 19.33 -5.70 5.76
C LEU A 85 18.22 -6.01 4.74
N ALA A 86 18.60 -6.16 3.47
CA ALA A 86 17.65 -6.57 2.46
C ALA A 86 16.99 -7.90 2.85
N GLN A 87 17.68 -8.77 3.60
CA GLN A 87 17.15 -10.09 3.88
C GLN A 87 16.00 -10.00 4.88
N ARG A 88 15.93 -8.90 5.65
CA ARG A 88 15.03 -8.73 6.83
C ARG A 88 13.55 -8.80 6.46
N PRO A 89 12.69 -9.11 7.45
CA PRO A 89 11.26 -9.22 7.22
C PRO A 89 10.79 -7.86 6.72
N GLY A 90 10.06 -7.90 5.61
CA GLY A 90 9.52 -6.76 4.96
C GLY A 90 10.30 -6.47 3.71
N VAL A 91 11.57 -6.11 3.90
CA VAL A 91 12.42 -5.65 2.83
C VAL A 91 12.62 -6.82 1.86
N ARG A 92 12.97 -7.98 2.45
CA ARG A 92 13.18 -9.22 1.74
C ARG A 92 12.18 -9.33 0.59
N GLN A 93 10.90 -9.28 0.94
CA GLN A 93 9.82 -9.48 -0.01
C GLN A 93 9.73 -8.28 -0.97
N GLY A 94 9.74 -7.05 -0.42
CA GLY A 94 9.79 -5.85 -1.23
C GLY A 94 10.60 -6.07 -2.48
N TRP A 95 11.75 -6.76 -2.30
CA TRP A 95 12.74 -7.08 -3.34
C TRP A 95 12.24 -8.19 -4.28
N LEU A 96 11.97 -9.35 -3.68
CA LEU A 96 11.66 -10.62 -4.37
C LEU A 96 10.60 -10.40 -5.44
N ASN A 97 9.71 -9.44 -5.16
CA ASN A 97 8.46 -9.27 -5.86
C ASN A 97 8.62 -8.23 -6.96
N CYS A 98 9.20 -7.06 -6.65
CA CYS A 98 9.53 -6.10 -7.66
C CYS A 98 10.01 -6.90 -8.88
N GLN A 99 9.22 -6.85 -9.95
CA GLN A 99 9.60 -7.29 -11.28
C GLN A 99 10.08 -6.08 -12.09
N ARG A 100 9.61 -4.88 -11.73
CA ARG A 100 9.93 -3.68 -12.48
C ARG A 100 10.28 -2.55 -11.50
N LEU A 101 11.40 -1.86 -11.75
CA LEU A 101 11.85 -0.72 -10.91
C LEU A 101 12.07 0.53 -11.77
N VAL A 102 11.51 1.66 -11.28
CA VAL A 102 11.56 2.94 -11.94
C VAL A 102 12.22 3.94 -10.98
N ILE A 103 13.17 4.72 -11.52
CA ILE A 103 13.92 5.73 -10.74
C ILE A 103 13.96 7.06 -11.52
N ASP A 104 13.50 8.15 -10.88
CA ASP A 104 13.54 9.53 -11.44
C ASP A 104 14.75 10.23 -10.82
N GLU A 105 15.29 11.22 -11.54
CA GLU A 105 16.53 11.98 -11.22
C GLU A 105 17.59 10.99 -10.73
N ILE A 106 18.25 10.33 -11.68
CA ILE A 106 19.36 9.36 -11.44
C ILE A 106 20.68 10.12 -11.21
N SER A 107 20.69 11.39 -11.61
CA SER A 107 21.84 12.26 -11.40
C SER A 107 22.33 12.13 -9.95
N MET A 108 21.44 12.22 -8.96
CA MET A 108 21.81 12.30 -7.50
C MET A 108 21.92 10.91 -6.82
N VAL A 109 22.06 9.85 -7.63
CA VAL A 109 22.53 8.55 -7.17
C VAL A 109 24.01 8.47 -7.55
N GLU A 110 24.87 8.06 -6.59
CA GLU A 110 26.36 7.98 -6.76
C GLU A 110 26.83 6.52 -6.83
N ALA A 111 27.61 6.23 -7.87
CA ALA A 111 27.71 4.90 -8.49
C ALA A 111 27.94 3.79 -7.46
N ASP A 112 28.72 4.06 -6.40
CA ASP A 112 29.12 3.05 -5.39
C ASP A 112 27.86 2.53 -4.65
N LEU A 113 26.80 3.36 -4.71
CA LEU A 113 25.44 3.09 -4.20
C LEU A 113 24.69 2.22 -5.21
N PHE A 114 24.67 2.65 -6.47
CA PHE A 114 24.12 1.83 -7.56
C PHE A 114 24.74 0.42 -7.51
N ASP A 115 26.07 0.35 -7.40
CA ASP A 115 26.79 -0.93 -7.48
C ASP A 115 26.41 -1.81 -6.28
N LYS A 116 26.49 -1.23 -5.09
CA LYS A 116 26.15 -1.90 -3.85
C LYS A 116 24.70 -2.43 -3.92
N LEU A 117 23.83 -1.79 -4.70
CA LEU A 117 22.46 -2.30 -4.92
C LEU A 117 22.49 -3.50 -5.86
N GLU A 118 23.01 -3.28 -7.08
CA GLU A 118 23.02 -4.30 -8.13
C GLU A 118 23.39 -5.66 -7.53
N ALA A 119 24.44 -5.65 -6.70
CA ALA A 119 24.92 -6.85 -6.03
C ALA A 119 23.83 -7.42 -5.10
N VAL A 120 23.29 -6.55 -4.23
CA VAL A 120 22.26 -6.94 -3.28
C VAL A 120 21.04 -7.49 -4.06
N ALA A 121 20.77 -6.89 -5.22
CA ALA A 121 19.70 -7.34 -6.09
C ALA A 121 19.90 -8.83 -6.40
N ARG A 122 20.98 -9.15 -7.14
CA ARG A 122 21.35 -10.53 -7.51
C ARG A 122 21.35 -11.43 -6.28
N ALA A 123 21.77 -10.86 -5.14
CA ALA A 123 21.93 -11.57 -3.87
C ALA A 123 20.60 -12.15 -3.40
N VAL A 124 19.70 -11.31 -2.87
CA VAL A 124 18.52 -11.84 -2.16
C VAL A 124 17.73 -12.72 -3.13
N ARG A 125 17.50 -12.19 -4.35
CA ARG A 125 16.61 -12.79 -5.36
C ARG A 125 17.22 -14.04 -5.99
N GLN A 126 18.56 -14.14 -5.97
CA GLN A 126 19.29 -15.26 -6.57
C GLN A 126 18.90 -15.37 -8.04
N GLN A 127 19.27 -14.34 -8.79
CA GLN A 127 19.45 -14.47 -10.20
C GLN A 127 20.94 -14.22 -10.48
N ASN A 128 21.45 -14.95 -11.47
CA ASN A 128 22.85 -14.88 -11.83
C ASN A 128 22.98 -13.88 -12.98
N LYS A 129 22.40 -12.67 -12.80
CA LYS A 129 21.95 -11.82 -13.92
C LYS A 129 21.94 -10.35 -13.51
N PRO A 130 21.70 -9.38 -14.44
CA PRO A 130 21.96 -7.96 -14.17
C PRO A 130 20.82 -7.32 -13.36
N PHE A 131 21.14 -6.99 -12.10
CA PHE A 131 20.25 -6.36 -11.09
C PHE A 131 19.20 -7.35 -10.58
N GLY A 132 19.57 -8.64 -10.53
CA GLY A 132 18.66 -9.69 -10.09
C GLY A 132 17.53 -9.94 -11.10
N GLY A 133 17.78 -9.58 -12.36
CA GLY A 133 16.83 -9.71 -13.44
C GLY A 133 16.07 -8.42 -13.70
N ILE A 134 15.82 -7.66 -12.62
CA ILE A 134 14.71 -6.67 -12.51
C ILE A 134 14.81 -5.61 -13.60
N GLN A 135 13.70 -5.39 -14.32
CA GLN A 135 13.61 -4.45 -15.46
C GLN A 135 13.82 -3.03 -14.94
N LEU A 136 14.95 -2.44 -15.30
CA LEU A 136 15.31 -1.09 -14.87
C LEU A 136 14.77 -0.09 -15.89
N ILE A 137 13.76 0.70 -15.48
CA ILE A 137 13.34 1.90 -16.21
C ILE A 137 13.78 3.11 -15.38
N ILE A 138 14.81 3.79 -15.87
CA ILE A 138 15.44 4.90 -15.19
C ILE A 138 15.31 6.15 -16.06
N CYS A 139 15.42 7.31 -15.41
CA CYS A 139 15.67 8.54 -16.10
C CYS A 139 16.31 9.56 -15.14
N GLY A 140 16.89 10.61 -15.70
CA GLY A 140 17.37 11.76 -14.95
C GLY A 140 18.08 12.70 -15.88
N ASP A 141 18.55 13.84 -15.35
CA ASP A 141 19.49 14.69 -16.10
C ASP A 141 20.78 14.80 -15.29
N PHE A 142 21.88 14.38 -15.93
CA PHE A 142 23.19 14.34 -15.34
C PHE A 142 23.75 15.77 -15.21
N LEU A 143 23.60 16.53 -16.27
CA LEU A 143 24.02 17.93 -16.27
C LEU A 143 23.17 18.76 -15.30
N GLN A 144 22.05 18.22 -14.78
CA GLN A 144 21.29 18.95 -13.76
C GLN A 144 22.07 18.85 -12.44
N LEU A 145 21.50 18.18 -11.44
CA LEU A 145 22.05 18.24 -10.10
C LEU A 145 22.79 16.94 -9.81
N PRO A 146 24.07 17.03 -9.40
CA PRO A 146 24.87 15.86 -9.09
C PRO A 146 24.87 15.44 -7.62
N PRO A 147 25.27 14.19 -7.31
CA PRO A 147 25.14 13.60 -5.97
C PRO A 147 25.80 14.34 -4.80
N VAL A 148 25.19 14.22 -3.62
CA VAL A 148 25.66 14.86 -2.40
C VAL A 148 27.00 14.21 -1.96
N THR A 149 27.98 15.10 -1.76
CA THR A 149 29.34 14.78 -1.34
C THR A 149 29.31 14.21 0.10
N LYS A 150 29.72 12.95 0.27
CA LYS A 150 29.75 12.27 1.60
C LYS A 150 30.91 12.83 2.44
N GLY A 151 32.13 12.76 1.87
CA GLY A 151 33.36 13.21 2.53
C GLY A 151 33.91 14.50 1.95
N SER A 152 35.02 14.38 1.23
CA SER A 152 35.79 15.55 0.76
C SER A 152 36.10 15.45 -0.74
N GLN A 153 36.67 14.31 -1.16
CA GLN A 153 37.01 14.01 -2.58
C GLN A 153 35.78 14.23 -3.48
N PRO A 154 35.92 14.27 -4.82
CA PRO A 154 34.76 14.42 -5.71
C PRO A 154 33.75 13.26 -5.62
N PRO A 155 32.43 13.54 -5.47
CA PRO A 155 31.41 12.49 -5.56
C PRO A 155 31.19 11.99 -7.00
N ARG A 156 30.82 10.71 -7.07
CA ARG A 156 31.08 9.85 -8.19
C ARG A 156 29.74 9.54 -8.88
N PHE A 157 29.50 10.11 -10.08
CA PHE A 157 28.20 10.02 -10.82
C PHE A 157 27.76 8.58 -11.09
N CYS A 158 26.50 8.41 -11.46
CA CYS A 158 25.92 7.06 -11.58
C CYS A 158 26.39 6.35 -12.87
N PHE A 159 26.48 7.11 -13.97
CA PHE A 159 26.86 6.57 -15.30
C PHE A 159 28.29 6.05 -15.26
N GLN A 160 29.05 6.47 -14.25
CA GLN A 160 30.43 6.06 -14.07
C GLN A 160 30.51 4.71 -13.35
N SER A 161 29.38 4.12 -12.92
CA SER A 161 29.40 2.81 -12.27
C SER A 161 29.84 1.73 -13.27
N LYS A 162 30.36 0.60 -12.76
CA LYS A 162 30.76 -0.54 -13.62
C LYS A 162 29.53 -1.35 -14.05
N SER A 163 28.52 -1.42 -13.17
CA SER A 163 27.23 -2.07 -13.43
C SER A 163 26.46 -1.30 -14.51
N TRP A 164 26.65 0.01 -14.57
CA TRP A 164 25.79 0.90 -15.35
C TRP A 164 25.61 0.38 -16.78
N LYS A 165 26.72 0.17 -17.50
CA LYS A 165 26.68 -0.23 -18.90
C LYS A 165 26.10 -1.65 -19.03
N ARG A 166 26.43 -2.50 -18.05
CA ARG A 166 25.99 -3.90 -18.00
C ARG A 166 24.48 -4.03 -17.70
N CYS A 167 23.91 -3.02 -17.03
CA CYS A 167 22.55 -3.08 -16.45
C CYS A 167 21.51 -2.31 -17.30
N VAL A 168 21.95 -1.24 -17.98
CA VAL A 168 21.05 -0.48 -18.87
C VAL A 168 21.63 -0.41 -20.28
N PRO A 169 21.79 -1.57 -20.96
CA PRO A 169 22.18 -1.63 -22.38
C PRO A 169 21.79 -0.44 -23.27
N VAL A 170 20.51 -0.07 -23.27
CA VAL A 170 20.00 0.94 -24.20
C VAL A 170 19.96 2.31 -23.50
N THR A 171 19.91 3.38 -24.32
CA THR A 171 19.69 4.78 -23.88
C THR A 171 19.08 5.57 -25.04
N LEU A 172 18.11 6.44 -24.73
CA LEU A 172 17.37 7.25 -25.73
C LEU A 172 17.08 8.64 -25.14
N GLU A 173 16.69 9.58 -26.02
CA GLU A 173 16.83 10.99 -25.72
C GLU A 173 15.51 11.71 -25.97
N LEU A 174 15.15 12.60 -25.02
CA LEU A 174 14.02 13.58 -25.14
C LEU A 174 14.62 14.96 -25.41
N THR A 175 13.90 15.78 -26.21
CA THR A 175 14.52 16.84 -27.06
C THR A 175 13.75 18.17 -27.12
N LYS A 176 12.52 18.26 -26.58
CA LYS A 176 11.78 19.52 -26.70
C LYS A 176 11.42 20.04 -25.31
N VAL A 177 11.53 21.36 -25.15
CA VAL A 177 11.28 22.04 -23.90
C VAL A 177 9.80 22.44 -23.83
N TRP A 178 9.01 21.45 -23.38
CA TRP A 178 7.59 21.58 -23.16
C TRP A 178 7.32 22.59 -22.03
N ARG A 179 8.17 22.58 -21.00
CA ARG A 179 7.97 23.40 -19.80
C ARG A 179 7.79 24.87 -20.21
N GLN A 180 8.82 25.40 -20.89
CA GLN A 180 8.98 26.81 -21.15
C GLN A 180 8.46 27.13 -22.56
N ALA A 181 7.61 28.16 -22.63
CA ALA A 181 6.94 28.62 -23.88
C ALA A 181 7.93 29.33 -24.83
N ASP A 182 8.28 30.59 -24.49
CA ASP A 182 9.10 31.54 -25.29
C ASP A 182 10.41 30.90 -25.83
N GLN A 183 10.65 31.00 -27.14
CA GLN A 183 11.78 30.30 -27.86
C GLN A 183 13.17 30.90 -27.53
N THR A 184 13.21 32.16 -27.08
CA THR A 184 14.46 32.80 -26.62
C THR A 184 14.94 32.14 -25.33
N PHE A 185 13.98 31.98 -24.42
CA PHE A 185 14.16 31.40 -23.12
C PHE A 185 14.54 29.92 -23.23
N ILE A 186 14.24 29.29 -24.38
CA ILE A 186 14.61 27.89 -24.68
C ILE A 186 16.11 27.80 -24.98
N SER A 187 16.65 28.73 -25.77
CA SER A 187 18.07 28.72 -26.12
C SER A 187 18.88 29.32 -24.95
N LEU A 188 18.38 30.45 -24.41
CA LEU A 188 18.88 31.06 -23.18
C LEU A 188 19.20 30.01 -22.11
N LEU A 189 18.30 29.04 -21.94
CA LEU A 189 18.42 27.97 -20.92
C LEU A 189 19.07 26.69 -21.50
N GLN A 190 19.11 26.54 -22.82
CA GLN A 190 19.79 25.41 -23.43
C GLN A 190 21.30 25.66 -23.39
N ALA A 191 21.66 26.95 -23.43
CA ALA A 191 23.03 27.41 -23.28
C ALA A 191 23.59 26.96 -21.93
N VAL A 192 22.94 27.43 -20.87
CA VAL A 192 23.42 27.37 -19.51
C VAL A 192 23.52 25.90 -19.06
N ARG A 193 22.81 24.98 -19.75
CA ARG A 193 22.94 23.51 -19.48
C ARG A 193 24.30 23.02 -19.97
N LEU A 194 24.70 23.57 -21.13
CA LEU A 194 25.91 23.21 -21.82
C LEU A 194 27.08 24.04 -21.25
N GLY A 195 26.74 25.20 -20.65
CA GLY A 195 27.64 25.93 -19.77
C GLY A 195 28.33 27.06 -20.49
N ARG A 196 27.52 27.93 -21.13
CA ARG A 196 28.03 29.07 -21.90
C ARG A 196 27.27 30.32 -21.48
N CYS A 197 28.04 31.41 -21.34
CA CYS A 197 27.51 32.76 -21.18
C CYS A 197 28.23 33.68 -22.17
N SER A 198 27.65 33.85 -23.35
CA SER A 198 27.94 35.00 -24.16
C SER A 198 26.92 36.09 -23.77
N ASP A 199 27.19 37.32 -24.21
CA ASP A 199 26.82 38.51 -23.44
C ASP A 199 25.31 38.80 -23.52
N GLU A 200 24.57 38.20 -24.48
CA GLU A 200 23.08 38.34 -24.55
C GLU A 200 22.38 37.42 -23.54
N VAL A 201 22.95 36.23 -23.36
CA VAL A 201 22.58 35.36 -22.24
C VAL A 201 22.68 36.22 -20.98
N THR A 202 23.89 36.74 -20.76
CA THR A 202 24.27 37.51 -19.59
C THR A 202 23.47 38.83 -19.50
N ARG A 203 23.09 39.40 -20.65
CA ARG A 203 22.35 40.68 -20.69
C ARG A 203 20.89 40.46 -20.28
N GLN A 204 20.25 39.47 -20.93
CA GLN A 204 18.84 39.15 -20.76
C GLN A 204 18.56 38.76 -19.30
N LEU A 205 19.37 37.84 -18.77
CA LEU A 205 19.25 37.36 -17.41
C LEU A 205 19.59 38.46 -16.41
N GLN A 206 20.50 39.37 -16.79
CA GLN A 206 20.75 40.58 -16.00
C GLN A 206 19.52 41.51 -16.03
N ALA A 207 18.84 41.54 -17.19
CA ALA A 207 17.66 42.36 -17.44
C ALA A 207 16.60 42.17 -16.34
N THR A 208 16.54 40.95 -15.81
CA THR A 208 15.41 40.49 -15.02
C THR A 208 15.39 41.08 -13.60
N ALA A 209 16.38 41.91 -13.23
CA ALA A 209 16.38 42.58 -11.93
C ALA A 209 15.10 43.43 -11.77
N SER A 210 14.86 44.29 -12.77
CA SER A 210 13.78 45.26 -12.77
C SER A 210 12.41 44.59 -12.88
N HIS A 211 12.37 43.28 -13.19
CA HIS A 211 11.14 42.45 -13.13
C HIS A 211 10.65 42.36 -11.68
N LYS A 212 9.33 42.44 -11.49
CA LYS A 212 8.69 42.18 -10.20
C LYS A 212 7.82 40.94 -10.40
N VAL A 213 8.25 39.82 -9.81
CA VAL A 213 7.76 38.51 -10.20
C VAL A 213 6.56 38.10 -9.35
N GLY A 214 6.53 38.60 -8.10
CA GLY A 214 5.58 38.21 -7.07
C GLY A 214 4.18 38.68 -7.40
N ARG A 215 3.23 37.72 -7.43
CA ARG A 215 1.97 37.85 -8.17
C ARG A 215 0.79 38.24 -7.24
N ASP A 216 -0.06 37.28 -6.83
CA ASP A 216 -1.48 37.58 -6.46
C ASP A 216 -1.73 37.76 -4.95
N GLY A 217 -0.67 38.06 -4.18
CA GLY A 217 -0.64 37.84 -2.74
C GLY A 217 0.19 36.61 -2.38
N ILE A 218 1.02 36.13 -3.34
CA ILE A 218 1.74 34.83 -3.29
C ILE A 218 3.03 34.89 -4.15
N VAL A 219 4.21 34.61 -3.56
CA VAL A 219 5.55 34.53 -4.28
C VAL A 219 6.13 33.12 -4.21
N ALA A 220 6.41 32.50 -5.35
CA ALA A 220 7.41 31.43 -5.39
C ALA A 220 8.79 32.12 -5.29
N THR A 221 9.22 32.32 -4.05
CA THR A 221 10.34 33.18 -3.79
C THR A 221 11.63 32.32 -3.84
N ARG A 222 12.69 32.81 -3.18
CA ARG A 222 14.10 32.43 -3.37
C ARG A 222 14.35 30.91 -3.37
N LEU A 223 15.28 30.54 -4.26
CA LEU A 223 15.94 29.24 -4.39
C LEU A 223 17.38 29.37 -3.86
N CYS A 224 17.63 29.14 -2.57
CA CYS A 224 19.03 29.11 -2.04
C CYS A 224 19.66 27.73 -2.30
N THR A 225 20.98 27.64 -2.11
CA THR A 225 21.70 26.38 -2.24
C THR A 225 21.63 25.61 -0.91
N HIS A 226 21.84 26.32 0.20
CA HIS A 226 22.02 25.73 1.55
C HIS A 226 20.67 25.66 2.28
N GLN A 227 20.46 24.55 3.02
CA GLN A 227 19.12 24.26 3.57
C GLN A 227 18.87 25.14 4.81
N ASP A 228 19.92 25.38 5.60
CA ASP A 228 19.78 26.17 6.82
C ASP A 228 19.40 27.61 6.46
N ASP A 229 19.91 28.12 5.32
CA ASP A 229 19.48 29.40 4.76
C ASP A 229 17.94 29.39 4.69
N VAL A 230 17.43 28.40 3.97
CA VAL A 230 16.01 28.22 3.62
C VAL A 230 15.14 28.30 4.89
N ALA A 231 15.25 27.28 5.74
CA ALA A 231 14.40 27.14 6.91
C ALA A 231 14.47 28.42 7.76
N LEU A 232 15.67 28.99 7.87
CA LEU A 232 15.89 30.14 8.71
C LEU A 232 15.10 31.34 8.16
N THR A 233 15.25 31.59 6.85
CA THR A 233 14.57 32.71 6.14
C THR A 233 13.12 32.86 6.65
N ASN A 234 12.38 31.76 6.48
CA ASN A 234 10.95 31.66 6.73
C ASN A 234 10.69 31.91 8.22
N GLU A 235 11.54 31.35 9.09
CA GLU A 235 11.34 31.45 10.53
C GLU A 235 11.23 32.93 10.91
N ARG A 236 11.84 33.82 10.11
CA ARG A 236 11.66 35.27 10.28
C ARG A 236 10.35 35.70 9.60
N ARG A 237 10.23 35.42 8.29
CA ARG A 237 9.14 35.97 7.45
C ARG A 237 7.75 35.70 8.07
N LEU A 238 7.66 34.61 8.86
CA LEU A 238 6.41 34.20 9.56
C LEU A 238 6.28 34.93 10.91
N GLN A 239 7.41 35.15 11.59
CA GLN A 239 7.45 36.01 12.78
C GLN A 239 6.96 37.42 12.40
N GLU A 240 7.32 37.87 11.18
CA GLU A 240 6.96 39.19 10.64
C GLU A 240 5.50 39.23 10.20
N LEU A 241 4.56 39.06 11.15
CA LEU A 241 3.13 38.82 10.83
C LEU A 241 2.28 39.13 12.07
N PRO A 242 1.18 39.92 11.98
CA PRO A 242 0.41 40.35 13.16
C PRO A 242 -0.37 39.26 13.91
N GLY A 243 -0.99 38.35 13.16
CA GLY A 243 -1.91 37.33 13.68
C GLY A 243 -1.28 36.48 14.77
N LYS A 244 -2.08 35.54 15.31
CA LYS A 244 -1.62 34.63 16.36
C LYS A 244 -1.14 33.32 15.72
N VAL A 245 -0.37 32.55 16.51
CA VAL A 245 0.41 31.37 16.09
C VAL A 245 -0.43 30.09 16.23
N HIS A 246 -0.70 29.39 15.12
CA HIS A 246 -1.44 28.11 15.17
C HIS A 246 -0.47 26.92 15.07
N ARG A 247 -0.33 26.17 16.18
CA ARG A 247 0.62 25.05 16.32
CA ARG A 247 0.66 25.08 16.23
C ARG A 247 0.02 23.76 15.73
N PHE A 248 0.81 23.02 14.95
CA PHE A 248 0.40 21.74 14.37
C PHE A 248 1.52 20.70 14.52
N GLU A 249 1.51 20.01 15.67
CA GLU A 249 2.41 18.89 15.99
C GLU A 249 1.84 17.63 15.33
N ALA A 250 2.70 16.75 14.83
CA ALA A 250 2.26 15.54 14.12
C ALA A 250 1.82 14.45 15.11
N MET A 251 1.90 13.18 14.68
CA MET A 251 1.27 12.05 15.36
C MET A 251 1.76 10.75 14.69
N ASP A 252 3.03 10.41 14.96
CA ASP A 252 3.78 9.41 14.21
C ASP A 252 3.65 8.04 14.89
N SER A 253 3.57 6.97 14.06
CA SER A 253 3.39 5.59 14.56
C SER A 253 4.46 5.29 15.61
N ASN A 254 5.68 5.77 15.32
CA ASN A 254 6.72 5.87 16.31
C ASN A 254 6.99 7.34 16.57
N PRO A 255 6.94 7.79 17.85
CA PRO A 255 7.43 9.12 18.23
C PRO A 255 8.93 9.28 17.96
N GLU A 256 9.68 8.30 18.47
CA GLU A 256 11.12 8.39 18.64
C GLU A 256 11.88 8.17 17.32
N LEU A 257 11.21 7.95 16.19
CA LEU A 257 11.94 7.84 14.92
C LEU A 257 11.78 9.12 14.09
N ALA A 258 11.07 10.11 14.66
CA ALA A 258 10.54 11.25 13.90
C ALA A 258 11.55 11.75 12.84
N SER A 259 12.85 11.71 13.20
CA SER A 259 13.96 12.21 12.37
C SER A 259 14.01 11.49 11.01
N THR A 260 13.78 10.17 11.01
CA THR A 260 13.77 9.33 9.79
C THR A 260 12.63 9.75 8.85
N LEU A 261 11.46 10.00 9.46
CA LEU A 261 10.34 10.60 8.77
C LEU A 261 10.83 11.94 8.22
N ASP A 262 11.19 12.85 9.12
CA ASP A 262 11.66 14.21 8.80
C ASP A 262 12.39 14.21 7.45
N ALA A 263 13.49 13.45 7.35
CA ALA A 263 14.44 13.64 6.25
C ALA A 263 14.02 12.88 4.99
N GLN A 264 13.32 11.75 5.16
CA GLN A 264 12.78 10.98 4.03
C GLN A 264 11.47 11.60 3.52
N CYS A 265 10.76 12.25 4.45
CA CYS A 265 9.46 12.88 4.21
C CYS A 265 9.58 14.07 3.27
N PRO A 266 8.44 14.76 3.06
CA PRO A 266 8.46 16.20 2.84
C PRO A 266 7.87 17.16 3.90
N VAL A 267 7.67 16.78 5.17
CA VAL A 267 7.08 17.74 6.21
C VAL A 267 7.84 17.67 7.53
N SER A 268 7.64 18.72 8.35
CA SER A 268 8.28 18.92 9.66
C SER A 268 7.47 18.22 10.75
N GLN A 269 8.19 17.87 11.82
CA GLN A 269 7.65 17.50 13.13
C GLN A 269 6.54 18.49 13.53
N LEU A 270 6.97 19.75 13.73
CA LEU A 270 6.14 20.86 14.16
C LEU A 270 6.08 21.84 12.99
N LEU A 271 4.88 21.99 12.42
CA LEU A 271 4.57 23.04 11.44
C LEU A 271 3.71 24.14 12.09
N GLN A 272 4.17 25.39 11.93
CA GLN A 272 3.58 26.55 12.57
C GLN A 272 3.19 27.56 11.48
N LEU A 273 1.96 28.06 11.60
CA LEU A 273 1.31 28.98 10.65
C LEU A 273 0.51 30.06 11.41
N LYS A 274 0.59 31.31 10.94
CA LYS A 274 -0.36 32.37 11.27
C LYS A 274 -1.04 32.79 9.98
N LEU A 275 -2.03 33.68 10.13
CA LEU A 275 -2.73 34.33 9.01
C LEU A 275 -1.68 34.89 8.06
N GLY A 276 -2.04 34.99 6.77
CA GLY A 276 -1.19 35.63 5.72
C GLY A 276 0.11 34.91 5.32
N ALA A 277 0.51 33.87 6.06
CA ALA A 277 1.69 33.06 5.76
C ALA A 277 1.57 32.41 4.36
N GLN A 278 2.67 32.32 3.61
CA GLN A 278 2.75 31.66 2.27
C GLN A 278 3.13 30.19 2.46
N VAL A 279 2.60 29.30 1.60
CA VAL A 279 2.77 27.84 1.76
C VAL A 279 2.75 27.12 0.39
N MET A 280 3.20 25.85 0.42
CA MET A 280 3.25 24.95 -0.74
C MET A 280 2.58 23.60 -0.41
N LEU A 281 2.06 22.94 -1.45
CA LEU A 281 1.33 21.66 -1.36
C LEU A 281 2.20 20.50 -1.85
N VAL A 282 2.43 19.54 -0.95
CA VAL A 282 3.60 18.64 -0.96
C VAL A 282 3.23 17.23 -1.45
N LYS A 283 1.96 16.85 -1.24
CA LYS A 283 1.33 15.72 -1.90
C LYS A 283 0.30 16.29 -2.89
N ASN A 284 -0.08 15.48 -3.89
CA ASN A 284 -1.18 15.80 -4.79
C ASN A 284 -2.47 15.77 -3.97
N LEU A 285 -3.55 16.42 -4.43
CA LEU A 285 -4.90 16.26 -3.82
C LEU A 285 -5.94 15.96 -4.92
N SER A 286 -6.22 16.93 -5.79
CA SER A 286 -7.32 16.82 -6.74
C SER A 286 -6.91 17.47 -8.05
N VAL A 287 -6.43 16.63 -8.97
CA VAL A 287 -5.72 17.10 -10.13
C VAL A 287 -6.70 17.82 -11.08
N SER A 288 -8.00 17.61 -10.85
CA SER A 288 -9.07 18.32 -11.54
C SER A 288 -9.04 19.81 -11.17
N ARG A 289 -9.35 20.15 -9.91
CA ARG A 289 -9.41 21.55 -9.43
CA ARG A 289 -9.42 21.56 -9.50
C ARG A 289 -8.01 22.18 -9.53
N GLY A 290 -6.98 21.33 -9.42
CA GLY A 290 -5.59 21.73 -9.61
C GLY A 290 -4.88 22.04 -8.31
N LEU A 291 -5.11 21.20 -7.28
CA LEU A 291 -4.27 21.15 -6.08
C LEU A 291 -3.26 20.00 -6.21
N VAL A 292 -2.26 20.22 -7.08
CA VAL A 292 -1.24 19.22 -7.46
C VAL A 292 0.00 19.38 -6.55
N ASN A 293 1.04 18.59 -6.81
CA ASN A 293 2.31 18.69 -6.08
C ASN A 293 3.08 19.93 -6.56
N GLY A 294 3.18 20.92 -5.66
CA GLY A 294 3.92 22.15 -5.86
C GLY A 294 3.02 23.37 -5.98
N ALA A 295 1.90 23.34 -5.26
CA ALA A 295 0.94 24.45 -5.29
C ALA A 295 1.48 25.61 -4.44
N ARG A 296 1.31 26.82 -4.96
CA ARG A 296 1.79 28.02 -4.29
C ARG A 296 0.56 28.79 -3.78
N GLY A 297 0.43 28.96 -2.45
CA GLY A 297 -0.76 29.61 -1.89
C GLY A 297 -0.44 30.51 -0.71
N VAL A 298 -1.48 31.00 -0.03
CA VAL A 298 -1.36 31.91 1.14
C VAL A 298 -2.50 31.63 2.13
N VAL A 299 -2.13 31.59 3.42
CA VAL A 299 -3.05 31.27 4.54
C VAL A 299 -4.05 32.42 4.77
N VAL A 300 -5.30 32.15 4.37
CA VAL A 300 -6.39 33.14 4.38
C VAL A 300 -7.30 32.93 5.62
N GLY A 301 -7.02 31.93 6.46
CA GLY A 301 -7.70 31.79 7.76
C GLY A 301 -7.57 30.40 8.36
N PHE A 302 -8.21 30.21 9.52
CA PHE A 302 -8.39 28.94 10.20
C PHE A 302 -9.87 28.86 10.62
N GLU A 303 -10.38 27.67 10.91
CA GLU A 303 -11.71 27.56 11.52
C GLU A 303 -11.51 27.62 13.04
N ALA A 304 -12.61 27.74 13.79
CA ALA A 304 -12.55 27.94 15.27
C ALA A 304 -12.91 26.64 16.03
N GLU A 305 -13.07 25.53 15.28
CA GLU A 305 -13.39 24.17 15.80
C GLU A 305 -12.41 23.17 15.16
N GLY A 306 -12.71 21.86 15.27
CA GLY A 306 -11.78 20.85 14.80
C GLY A 306 -10.45 21.00 15.51
N ARG A 307 -9.35 21.06 14.74
CA ARG A 307 -8.00 21.43 15.23
C ARG A 307 -7.67 22.82 14.68
N GLY A 308 -8.72 23.52 14.22
CA GLY A 308 -8.64 24.86 13.67
C GLY A 308 -7.94 24.83 12.33
N LEU A 309 -8.51 24.03 11.41
CA LEU A 309 -7.81 23.66 10.19
C LEU A 309 -7.57 24.90 9.34
N PRO A 310 -6.39 25.03 8.72
CA PRO A 310 -6.11 26.13 7.78
C PRO A 310 -7.00 26.13 6.53
N GLN A 311 -7.21 27.34 6.03
CA GLN A 311 -7.89 27.66 4.79
C GLN A 311 -6.85 28.33 3.89
N VAL A 312 -6.89 28.07 2.58
CA VAL A 312 -5.81 28.57 1.71
C VAL A 312 -6.36 28.96 0.34
N ARG A 313 -5.96 30.14 -0.15
CA ARG A 313 -6.07 30.48 -1.55
C ARG A 313 -4.72 30.16 -2.21
N PHE A 314 -4.82 29.65 -3.44
CA PHE A 314 -3.68 29.23 -4.24
C PHE A 314 -3.53 30.17 -5.44
N LEU A 315 -2.44 29.97 -6.18
CA LEU A 315 -2.18 30.68 -7.42
C LEU A 315 -3.18 30.19 -8.48
N CYS A 316 -3.32 28.86 -8.60
CA CYS A 316 -4.27 28.28 -9.55
C CYS A 316 -5.66 28.89 -9.32
N GLY A 317 -5.93 29.37 -8.09
CA GLY A 317 -7.04 30.30 -7.78
C GLY A 317 -8.11 29.69 -6.88
N VAL A 318 -8.25 28.37 -6.97
CA VAL A 318 -9.23 27.60 -6.21
C VAL A 318 -8.78 27.58 -4.74
N THR A 319 -9.76 27.50 -3.82
CA THR A 319 -9.64 27.64 -2.37
C THR A 319 -10.19 26.38 -1.68
N GLU A 320 -9.40 25.76 -0.77
CA GLU A 320 -9.79 24.49 -0.09
CA GLU A 320 -9.80 24.50 -0.10
C GLU A 320 -9.30 24.52 1.36
N VAL A 321 -10.13 23.98 2.28
CA VAL A 321 -9.75 23.86 3.72
C VAL A 321 -8.88 22.61 3.86
N ILE A 322 -7.66 22.75 4.40
CA ILE A 322 -6.71 21.64 4.35
C ILE A 322 -6.83 20.77 5.62
N HIS A 323 -7.08 19.46 5.45
CA HIS A 323 -7.03 18.46 6.53
C HIS A 323 -5.59 17.94 6.65
N ALA A 324 -5.33 17.10 7.65
CA ALA A 324 -4.07 16.36 7.73
C ALA A 324 -4.19 15.03 6.96
N ASP A 325 -3.07 14.57 6.34
CA ASP A 325 -2.94 13.27 5.61
C ASP A 325 -1.94 12.34 6.33
N ARG A 326 -1.47 11.29 5.65
CA ARG A 326 -0.64 10.19 6.25
C ARG A 326 0.45 9.74 5.26
N TRP A 327 1.73 9.81 5.66
CA TRP A 327 2.83 9.23 4.86
C TRP A 327 3.40 8.01 5.58
N THR A 328 3.95 7.08 4.80
CA THR A 328 4.65 5.92 5.34
CA THR A 328 4.63 5.90 5.31
C THR A 328 6.00 5.77 4.63
N VAL A 329 7.01 5.28 5.39
CA VAL A 329 8.38 5.02 4.91
C VAL A 329 8.85 3.64 5.39
N GLN A 330 9.43 2.83 4.47
CA GLN A 330 10.05 1.51 4.81
C GLN A 330 11.38 1.76 5.52
N ALA A 331 11.28 2.05 6.82
CA ALA A 331 12.37 2.59 7.58
C ALA A 331 13.34 1.46 7.87
N THR A 332 14.58 1.63 7.40
CA THR A 332 15.60 0.60 7.38
C THR A 332 15.43 -0.24 8.65
N GLY A 333 14.75 -1.37 8.51
CA GLY A 333 14.26 -2.13 9.65
C GLY A 333 13.27 -3.18 9.23
N GLY A 334 12.36 -2.79 8.33
CA GLY A 334 11.19 -3.54 7.98
C GLY A 334 10.01 -3.13 8.85
N GLN A 335 10.10 -1.96 9.47
CA GLN A 335 8.95 -1.32 10.03
C GLN A 335 8.51 -0.25 9.03
N LEU A 336 7.21 -0.18 8.79
CA LEU A 336 6.59 0.96 8.11
C LEU A 336 6.17 1.98 9.17
N LEU A 337 6.67 3.21 9.00
CA LEU A 337 6.40 4.33 9.89
C LEU A 337 5.31 5.21 9.30
N SER A 338 4.37 5.64 10.16
CA SER A 338 3.34 6.60 9.80
C SER A 338 3.68 7.99 10.36
N ARG A 339 3.05 9.00 9.76
CA ARG A 339 3.04 10.37 10.22
C ARG A 339 1.70 10.99 9.80
N GLN A 340 1.09 11.73 10.73
CA GLN A 340 -0.13 12.48 10.45
CA GLN A 340 -0.16 12.48 10.50
C GLN A 340 0.16 13.97 10.65
N GLN A 341 0.01 14.73 9.56
CA GLN A 341 0.41 16.15 9.51
C GLN A 341 -0.09 16.76 8.19
N LEU A 342 -0.25 18.09 8.21
CA LEU A 342 -0.68 18.85 7.04
C LEU A 342 0.34 18.66 5.94
N PRO A 343 -0.11 18.49 4.68
CA PRO A 343 0.78 18.54 3.51
C PRO A 343 1.16 19.95 3.03
N LEU A 344 1.74 20.74 3.95
CA LEU A 344 2.12 22.13 3.71
C LEU A 344 3.55 22.38 4.22
N GLN A 345 4.37 23.03 3.39
CA GLN A 345 5.65 23.56 3.82
C GLN A 345 5.73 25.04 3.39
N LEU A 346 6.39 25.85 4.22
CA LEU A 346 6.45 27.32 4.09
C LEU A 346 7.23 27.72 2.84
N ALA A 347 6.57 28.36 1.86
CA ALA A 347 7.08 28.46 0.49
C ALA A 347 7.59 29.88 0.13
N TRP A 348 8.27 30.52 1.10
CA TRP A 348 9.15 31.66 0.84
C TRP A 348 10.47 31.15 0.28
N ALA A 349 11.14 30.31 1.08
CA ALA A 349 12.48 29.80 0.80
C ALA A 349 12.44 28.29 0.56
N MET A 350 13.04 27.88 -0.56
CA MET A 350 13.14 26.49 -0.97
C MET A 350 14.55 26.25 -1.53
N SER A 351 15.23 25.19 -1.05
CA SER A 351 16.57 24.84 -1.54
C SER A 351 16.52 24.42 -3.02
N ILE A 352 17.64 24.61 -3.72
CA ILE A 352 17.75 24.12 -5.09
C ILE A 352 17.74 22.58 -5.06
N HIS A 353 18.16 21.99 -3.94
CA HIS A 353 18.14 20.56 -3.82
C HIS A 353 16.73 20.02 -4.10
N LYS A 354 15.72 20.69 -3.50
CA LYS A 354 14.31 20.23 -3.46
C LYS A 354 13.64 20.48 -4.81
N SER A 355 13.89 21.66 -5.35
CA SER A 355 13.25 22.15 -6.57
C SER A 355 13.55 21.26 -7.80
N GLN A 356 14.61 20.45 -7.80
CA GLN A 356 14.90 19.59 -8.98
C GLN A 356 13.92 18.40 -9.01
N GLY A 357 13.30 18.20 -10.18
CA GLY A 357 12.19 17.26 -10.39
C GLY A 357 10.88 17.97 -10.70
N MET A 358 10.81 19.27 -10.35
CA MET A 358 9.58 20.08 -10.25
C MET A 358 9.55 21.13 -11.37
N THR A 359 8.40 21.82 -11.49
CA THR A 359 8.19 22.98 -12.38
C THR A 359 7.69 24.16 -11.54
N LEU A 360 7.93 25.40 -12.02
CA LEU A 360 7.57 26.63 -11.29
C LEU A 360 7.26 27.79 -12.26
N ASP A 361 6.78 28.90 -11.67
CA ASP A 361 5.98 29.89 -12.37
C ASP A 361 6.49 31.32 -12.08
N CYS A 362 7.12 31.50 -10.90
CA CYS A 362 6.98 32.70 -10.07
C CYS A 362 8.24 32.92 -9.20
N VAL A 363 9.45 32.67 -9.75
CA VAL A 363 10.71 32.35 -8.95
C VAL A 363 11.66 33.54 -8.81
N GLU A 364 12.54 33.46 -7.78
CA GLU A 364 13.70 34.35 -7.54
C GLU A 364 14.96 33.52 -7.23
N ILE A 365 16.15 34.09 -7.50
CA ILE A 365 17.44 33.41 -7.26
C ILE A 365 18.59 34.43 -7.35
N SER A 366 19.43 34.46 -6.30
CA SER A 366 20.67 35.26 -6.31
C SER A 366 21.77 34.48 -7.04
N LEU A 367 22.52 35.14 -7.93
CA LEU A 367 23.63 34.48 -8.67
C LEU A 367 24.93 35.30 -8.65
N GLY A 368 25.06 36.26 -7.72
CA GLY A 368 26.33 36.96 -7.44
C GLY A 368 27.25 36.14 -6.54
N ARG A 369 27.91 35.14 -7.12
CA ARG A 369 28.73 34.17 -6.39
C ARG A 369 29.36 33.19 -7.40
N VAL A 370 29.77 32.03 -6.90
CA VAL A 370 30.01 30.84 -7.70
C VAL A 370 29.24 29.69 -7.04
N PHE A 371 28.75 28.77 -7.88
CA PHE A 371 27.91 27.64 -7.50
C PHE A 371 28.50 26.35 -8.06
N ALA A 372 28.16 25.21 -7.46
CA ALA A 372 28.65 23.89 -7.90
C ALA A 372 28.11 23.57 -9.30
N SER A 373 28.97 23.06 -10.20
CA SER A 373 28.62 22.87 -11.60
C SER A 373 27.25 22.19 -11.71
N GLY A 374 26.35 22.82 -12.50
CA GLY A 374 24.96 22.42 -12.64
C GLY A 374 24.04 23.30 -11.82
N GLN A 375 24.40 23.51 -10.56
CA GLN A 375 23.57 24.11 -9.49
C GLN A 375 22.91 25.40 -9.99
N ALA A 376 23.54 26.06 -10.98
CA ALA A 376 23.00 27.26 -11.63
C ALA A 376 21.83 26.90 -12.54
N TYR A 377 22.11 25.99 -13.50
CA TYR A 377 21.16 25.58 -14.52
C TYR A 377 19.82 25.23 -13.88
N VAL A 378 19.85 24.34 -12.89
CA VAL A 378 18.67 23.79 -12.26
C VAL A 378 17.71 24.94 -11.89
N ALA A 379 18.17 25.87 -11.05
CA ALA A 379 17.26 26.83 -10.38
C ALA A 379 16.60 27.79 -11.38
N LEU A 380 17.28 27.98 -12.52
CA LEU A 380 16.80 28.84 -13.60
C LEU A 380 15.71 28.12 -14.39
N SER A 381 15.98 26.85 -14.70
CA SER A 381 15.16 26.04 -15.59
C SER A 381 13.94 25.46 -14.85
N ARG A 382 13.65 26.01 -13.66
CA ARG A 382 12.43 25.71 -12.95
C ARG A 382 11.29 26.52 -13.56
N ALA A 383 11.48 27.84 -13.63
CA ALA A 383 10.45 28.78 -14.08
C ALA A 383 9.93 28.42 -15.48
N ARG A 384 8.61 28.50 -15.64
CA ARG A 384 7.96 28.43 -16.95
C ARG A 384 8.14 29.80 -17.61
N SER A 385 7.88 30.83 -16.79
CA SER A 385 7.72 32.22 -17.19
C SER A 385 9.06 32.96 -17.14
N LEU A 386 9.48 33.49 -18.29
CA LEU A 386 10.64 34.35 -18.36
C LEU A 386 10.29 35.75 -17.81
N GLN A 387 9.06 36.21 -18.05
CA GLN A 387 8.56 37.52 -17.58
C GLN A 387 8.44 37.51 -16.05
N GLY A 388 7.81 36.46 -15.49
CA GLY A 388 7.65 36.30 -14.04
C GLY A 388 8.83 35.53 -13.45
N LEU A 389 10.05 36.01 -13.74
CA LEU A 389 11.35 35.51 -13.21
C LEU A 389 12.25 36.71 -12.91
N ARG A 390 12.96 36.67 -11.76
CA ARG A 390 13.89 37.74 -11.34
C ARG A 390 15.21 37.12 -10.85
N VAL A 391 16.29 37.29 -11.65
CA VAL A 391 17.67 36.97 -11.24
C VAL A 391 18.25 38.21 -10.55
N LEU A 392 19.11 38.00 -9.55
CA LEU A 392 19.82 39.09 -8.80
C LEU A 392 21.35 38.95 -9.00
N ASP A 393 22.00 40.08 -9.30
CA ASP A 393 23.45 40.22 -9.17
C ASP A 393 24.17 39.20 -10.07
N PHE A 394 23.64 38.94 -11.26
CA PHE A 394 24.13 37.86 -12.11
C PHE A 394 25.67 37.89 -12.22
N ASP A 395 26.31 36.73 -12.39
CA ASP A 395 27.80 36.61 -12.49
C ASP A 395 28.19 35.34 -13.26
N PRO A 396 28.77 35.47 -14.47
CA PRO A 396 29.14 34.32 -15.30
C PRO A 396 30.08 33.21 -14.78
N MET A 397 30.64 33.34 -13.56
CA MET A 397 31.37 32.21 -12.98
C MET A 397 30.43 31.43 -12.06
N ALA A 398 29.17 31.84 -11.99
CA ALA A 398 28.09 30.99 -11.48
C ALA A 398 27.91 29.76 -12.39
N VAL A 399 27.75 30.04 -13.69
CA VAL A 399 27.50 29.05 -14.76
C VAL A 399 28.69 28.09 -14.89
N ARG A 400 28.58 26.88 -14.32
CA ARG A 400 29.67 25.87 -14.35
C ARG A 400 29.13 24.50 -14.86
N CYS A 401 29.92 23.83 -15.70
CA CYS A 401 29.58 22.49 -16.21
C CYS A 401 30.73 21.51 -15.95
N ASP A 402 30.39 20.35 -15.37
CA ASP A 402 31.32 19.25 -15.29
C ASP A 402 31.55 18.69 -16.69
N PRO A 403 32.81 18.67 -17.17
CA PRO A 403 33.13 18.05 -18.46
C PRO A 403 33.23 16.52 -18.54
N ARG A 404 33.37 15.78 -17.42
CA ARG A 404 33.24 14.29 -17.49
C ARG A 404 31.89 13.94 -18.14
N VAL A 405 30.88 14.76 -17.79
CA VAL A 405 29.49 14.62 -18.17
C VAL A 405 29.33 15.13 -19.62
N LEU A 406 29.78 16.36 -19.87
CA LEU A 406 29.68 16.95 -21.21
C LEU A 406 30.21 15.95 -22.25
N HIS A 407 31.30 15.23 -21.89
CA HIS A 407 31.92 14.20 -22.74
C HIS A 407 31.06 12.92 -22.77
N PHE A 408 30.25 12.71 -21.74
CA PHE A 408 29.26 11.62 -21.75
C PHE A 408 28.16 11.89 -22.78
N TYR A 409 27.70 13.15 -22.91
CA TYR A 409 26.68 13.55 -23.91
C TYR A 409 27.35 14.02 -25.22
N ALA A 410 28.66 13.79 -25.36
CA ALA A 410 29.37 13.89 -26.63
C ALA A 410 29.54 12.47 -27.22
N THR A 411 29.91 11.51 -26.37
CA THR A 411 30.14 10.11 -26.80
C THR A 411 28.83 9.52 -27.33
N LEU A 412 27.70 9.93 -26.74
CA LEU A 412 26.39 9.53 -27.23
C LEU A 412 26.07 10.27 -28.53
N ARG A 413 26.33 11.59 -28.56
CA ARG A 413 26.04 12.41 -29.75
C ARG A 413 26.72 11.85 -30.99
N ARG A 414 27.97 11.38 -30.83
CA ARG A 414 28.95 11.21 -31.92
C ARG A 414 28.83 9.82 -32.57
N GLY A 415 27.77 9.06 -32.26
CA GLY A 415 27.48 7.77 -32.91
C GLY A 415 26.00 7.60 -33.22
N ARG A 416 25.34 8.73 -33.55
CA ARG A 416 23.88 8.87 -33.66
C ARG A 416 23.48 9.54 -34.98
N SER A 417 22.25 10.07 -35.06
CA SER A 417 21.70 10.65 -36.29
C SER A 417 22.30 12.05 -36.57
N LEU A 418 21.67 13.12 -36.08
CA LEU A 418 22.15 14.51 -36.30
C LEU A 418 23.32 14.77 -35.35
N SER B 1 -3.78 -22.50 -17.41
CA SER B 1 -3.73 -23.80 -16.69
C SER B 1 -4.75 -23.81 -15.53
N ARG B 2 -5.76 -22.93 -15.62
CA ARG B 2 -6.58 -22.48 -14.47
C ARG B 2 -8.01 -23.03 -14.59
N MET B 3 -8.98 -22.37 -13.92
CA MET B 3 -10.35 -22.87 -13.78
C MET B 3 -11.31 -22.17 -14.76
N GLN B 4 -12.19 -23.00 -15.34
CA GLN B 4 -13.36 -22.60 -16.08
C GLN B 4 -14.40 -22.01 -15.11
N LEU B 5 -14.77 -20.73 -15.30
CA LEU B 5 -15.78 -20.00 -14.45
C LEU B 5 -17.21 -20.54 -14.63
N SER B 6 -17.97 -20.62 -13.54
CA SER B 6 -19.40 -20.95 -13.65
C SER B 6 -20.09 -19.84 -14.44
N GLU B 7 -21.19 -20.20 -15.10
CA GLU B 7 -22.04 -19.24 -15.79
C GLU B 7 -22.46 -18.11 -14.83
N GLU B 8 -22.73 -18.51 -13.59
CA GLU B 8 -23.26 -17.65 -12.51
C GLU B 8 -22.18 -16.65 -12.08
N GLN B 9 -20.97 -17.20 -11.90
CA GLN B 9 -19.74 -16.51 -11.50
C GLN B 9 -19.41 -15.43 -12.54
N ALA B 10 -19.59 -15.79 -13.81
CA ALA B 10 -19.42 -14.88 -14.91
C ALA B 10 -20.36 -13.71 -14.68
N ALA B 11 -21.66 -14.03 -14.69
CA ALA B 11 -22.77 -13.09 -14.65
C ALA B 11 -22.51 -11.97 -13.63
N VAL B 12 -22.01 -12.37 -12.45
CA VAL B 12 -21.49 -11.48 -11.42
C VAL B 12 -20.43 -10.57 -12.06
N LEU B 13 -19.23 -11.13 -12.26
CA LEU B 13 -18.07 -10.40 -12.72
C LEU B 13 -18.40 -9.48 -13.90
N ARG B 14 -19.14 -10.02 -14.88
CA ARG B 14 -19.55 -9.31 -16.09
C ARG B 14 -20.13 -7.98 -15.59
N ALA B 15 -21.08 -8.08 -14.66
CA ALA B 15 -21.81 -6.93 -14.17
C ALA B 15 -20.98 -6.11 -13.18
N VAL B 16 -20.06 -6.72 -12.45
CA VAL B 16 -19.22 -5.94 -11.53
C VAL B 16 -18.36 -4.95 -12.33
N LEU B 17 -17.86 -5.38 -13.50
CA LEU B 17 -16.95 -4.56 -14.28
C LEU B 17 -17.73 -3.44 -14.97
N LYS B 18 -18.98 -3.75 -15.32
CA LYS B 18 -19.89 -2.79 -15.84
C LYS B 18 -20.23 -1.78 -14.75
N GLY B 19 -19.94 -2.12 -13.49
CA GLY B 19 -19.87 -1.15 -12.40
C GLY B 19 -21.17 -1.07 -11.61
N GLN B 20 -21.64 -2.22 -11.14
CA GLN B 20 -22.86 -2.30 -10.38
C GLN B 20 -22.55 -2.70 -8.94
N SER B 21 -23.19 -2.03 -7.99
CA SER B 21 -23.27 -2.51 -6.64
C SER B 21 -24.18 -3.75 -6.66
N ILE B 22 -23.63 -4.90 -6.30
CA ILE B 22 -24.37 -6.14 -6.29
C ILE B 22 -23.84 -7.04 -5.17
N PHE B 23 -24.76 -7.85 -4.65
CA PHE B 23 -24.49 -8.88 -3.68
C PHE B 23 -24.60 -10.20 -4.42
N PHE B 24 -23.72 -11.15 -4.11
CA PHE B 24 -23.91 -12.48 -4.62
C PHE B 24 -23.82 -13.42 -3.42
N THR B 25 -24.63 -14.48 -3.48
CA THR B 25 -24.68 -15.36 -2.37
C THR B 25 -25.06 -16.74 -2.88
N GLY B 26 -24.54 -17.70 -2.12
CA GLY B 26 -24.69 -19.12 -2.28
C GLY B 26 -24.01 -19.85 -1.14
N SER B 27 -24.19 -21.17 -1.13
CA SER B 27 -24.02 -22.06 0.02
C SER B 27 -22.55 -22.23 0.41
N ALA B 28 -22.25 -23.23 1.25
CA ALA B 28 -20.87 -23.39 1.77
C ALA B 28 -19.97 -23.99 0.69
N GLY B 29 -18.94 -23.21 0.34
CA GLY B 29 -18.13 -23.41 -0.84
C GLY B 29 -18.99 -23.43 -2.09
N THR B 30 -19.09 -22.29 -2.78
CA THR B 30 -19.50 -22.33 -4.20
C THR B 30 -18.62 -21.43 -5.06
N GLY B 31 -17.42 -21.15 -4.56
CA GLY B 31 -16.47 -20.27 -5.19
C GLY B 31 -16.91 -18.82 -5.02
N LYS B 32 -17.55 -18.54 -3.89
CA LYS B 32 -17.87 -17.17 -3.52
C LYS B 32 -16.53 -16.46 -3.31
N SER B 33 -15.84 -16.78 -2.21
CA SER B 33 -14.55 -16.17 -1.88
C SER B 33 -13.67 -16.15 -3.15
N TYR B 34 -13.60 -17.27 -3.88
CA TYR B 34 -12.70 -17.40 -5.06
C TYR B 34 -13.00 -16.34 -6.13
N LEU B 35 -14.28 -16.21 -6.51
CA LEU B 35 -14.64 -15.30 -7.60
C LEU B 35 -14.26 -13.86 -7.22
N LEU B 36 -14.24 -13.55 -5.92
CA LEU B 36 -13.84 -12.22 -5.47
C LEU B 36 -12.43 -11.92 -5.98
N LYS B 37 -11.53 -12.89 -5.79
CA LYS B 37 -10.11 -12.77 -6.10
C LYS B 37 -9.92 -12.51 -7.61
N ARG B 38 -10.57 -13.37 -8.42
CA ARG B 38 -10.58 -13.26 -9.88
C ARG B 38 -11.09 -11.89 -10.34
N ILE B 39 -12.07 -11.33 -9.61
CA ILE B 39 -12.59 -9.95 -9.81
C ILE B 39 -11.51 -8.94 -9.42
N LEU B 40 -11.10 -8.97 -8.15
CA LEU B 40 -10.13 -8.03 -7.63
C LEU B 40 -8.98 -7.92 -8.62
N GLY B 41 -8.63 -9.06 -9.21
CA GLY B 41 -7.63 -9.16 -10.29
C GLY B 41 -7.93 -8.28 -11.50
N SER B 42 -9.22 -8.22 -11.87
CA SER B 42 -9.70 -7.60 -13.12
C SER B 42 -10.02 -6.11 -12.96
N LEU B 43 -10.28 -5.70 -11.71
CA LEU B 43 -10.69 -4.36 -11.39
C LEU B 43 -9.53 -3.38 -11.51
N PRO B 44 -9.81 -2.13 -11.95
CA PRO B 44 -8.82 -1.07 -11.81
C PRO B 44 -8.39 -1.08 -10.36
N PRO B 45 -7.08 -1.20 -10.06
CA PRO B 45 -6.62 -1.41 -8.68
C PRO B 45 -6.82 -0.16 -7.82
N THR B 46 -6.83 1.03 -8.46
CA THR B 46 -6.87 2.33 -7.78
C THR B 46 -8.29 2.61 -7.29
N GLY B 47 -8.39 2.92 -5.99
CA GLY B 47 -9.64 3.25 -5.27
C GLY B 47 -10.57 2.05 -5.20
N THR B 48 -9.99 0.93 -4.76
CA THR B 48 -10.60 -0.39 -4.80
C THR B 48 -10.06 -1.05 -3.53
N VAL B 49 -10.93 -1.66 -2.72
CA VAL B 49 -10.62 -1.82 -1.30
C VAL B 49 -11.20 -3.14 -0.80
N ALA B 50 -10.33 -4.08 -0.45
CA ALA B 50 -10.79 -5.40 -0.14
C ALA B 50 -10.87 -5.56 1.38
N THR B 51 -12.00 -6.11 1.86
CA THR B 51 -12.30 -6.28 3.28
C THR B 51 -13.18 -7.51 3.52
N ALA B 52 -13.18 -7.93 4.79
CA ALA B 52 -14.12 -8.91 5.26
C ALA B 52 -14.26 -8.81 6.77
N SER B 53 -15.22 -9.58 7.32
CA SER B 53 -15.47 -9.67 8.74
C SER B 53 -14.24 -10.19 9.51
N THR B 54 -13.80 -11.40 9.21
CA THR B 54 -12.75 -12.09 9.99
C THR B 54 -11.36 -11.55 9.61
N GLY B 55 -10.45 -11.57 10.60
CA GLY B 55 -9.06 -11.22 10.37
C GLY B 55 -8.43 -12.14 9.34
N VAL B 56 -8.70 -13.43 9.55
CA VAL B 56 -8.15 -14.52 8.76
C VAL B 56 -8.56 -14.35 7.30
N ALA B 57 -9.88 -14.28 7.05
CA ALA B 57 -10.47 -14.34 5.70
C ALA B 57 -10.34 -12.98 5.03
N ALA B 58 -9.61 -12.06 5.67
CA ALA B 58 -9.01 -10.97 4.95
C ALA B 58 -7.58 -11.36 4.51
N CYS B 59 -6.71 -11.76 5.45
CA CYS B 59 -5.32 -12.17 5.07
C CYS B 59 -5.42 -13.14 3.90
N HIS B 60 -6.61 -13.77 3.80
CA HIS B 60 -7.02 -14.75 2.77
C HIS B 60 -7.25 -14.12 1.39
N ILE B 61 -8.25 -13.24 1.29
CA ILE B 61 -8.63 -12.62 -0.01
C ILE B 61 -7.77 -11.37 -0.20
N GLY B 62 -6.88 -11.18 0.78
CA GLY B 62 -5.69 -10.38 0.67
C GLY B 62 -6.01 -8.94 0.98
N GLY B 63 -6.71 -8.74 2.11
CA GLY B 63 -7.36 -7.46 2.45
C GLY B 63 -7.09 -7.06 3.88
N THR B 64 -7.95 -6.16 4.41
CA THR B 64 -8.02 -5.85 5.86
C THR B 64 -9.47 -6.05 6.35
N THR B 65 -9.62 -6.01 7.66
CA THR B 65 -10.92 -6.12 8.28
C THR B 65 -11.68 -4.84 7.93
N LEU B 66 -12.96 -5.00 7.60
CA LEU B 66 -13.89 -3.89 7.49
C LEU B 66 -13.76 -2.99 8.72
N HIS B 67 -13.63 -3.66 9.88
CA HIS B 67 -13.37 -3.04 11.16
C HIS B 67 -12.38 -1.89 11.00
N ALA B 68 -11.12 -2.20 10.67
CA ALA B 68 -10.02 -1.23 10.76
C ALA B 68 -10.01 -0.25 9.58
N PHE B 69 -10.47 -0.69 8.40
CA PHE B 69 -10.63 0.22 7.23
C PHE B 69 -11.48 1.45 7.58
N ALA B 70 -12.68 1.18 8.13
CA ALA B 70 -13.73 2.15 8.46
C ALA B 70 -13.29 3.05 9.63
N GLY B 71 -12.54 2.43 10.55
CA GLY B 71 -11.70 3.13 11.52
C GLY B 71 -12.52 3.75 12.63
N ILE B 72 -13.64 3.08 12.96
CA ILE B 72 -14.55 3.50 14.02
C ILE B 72 -14.71 2.38 15.08
N GLY B 73 -13.70 1.50 15.19
CA GLY B 73 -13.60 0.51 16.26
C GLY B 73 -14.82 -0.40 16.31
N SER B 74 -15.69 -0.16 17.31
CA SER B 74 -16.95 -0.90 17.47
C SER B 74 -18.05 -0.27 16.61
N GLY B 75 -18.19 1.06 16.67
CA GLY B 75 -19.25 1.79 15.97
C GLY B 75 -20.57 1.73 16.73
N GLN B 76 -20.48 1.33 18.01
CA GLN B 76 -21.58 1.40 18.97
C GLN B 76 -21.89 2.89 19.20
N ALA B 77 -20.86 3.65 19.56
CA ALA B 77 -20.96 5.09 19.85
C ALA B 77 -21.71 5.78 18.72
N PRO B 78 -22.72 6.61 19.07
CA PRO B 78 -23.53 7.34 18.08
C PRO B 78 -22.82 8.22 17.03
N LEU B 79 -23.59 8.52 15.98
CA LEU B 79 -23.14 8.69 14.58
C LEU B 79 -22.04 9.74 14.47
N ALA B 80 -22.17 10.83 15.22
CA ALA B 80 -21.28 11.94 15.02
C ALA B 80 -19.90 11.67 15.65
N GLN B 81 -19.82 11.01 16.82
CA GLN B 81 -18.52 10.61 17.36
C GLN B 81 -17.79 9.72 16.35
N CYS B 82 -18.55 8.81 15.71
CA CYS B 82 -18.05 7.90 14.62
C CYS B 82 -17.46 8.71 13.44
N VAL B 83 -18.17 9.76 13.03
CA VAL B 83 -17.79 10.62 11.90
C VAL B 83 -16.47 11.36 12.19
N ALA B 84 -16.16 11.59 13.46
CA ALA B 84 -14.88 12.18 13.82
C ALA B 84 -13.76 11.21 13.44
N LEU B 85 -13.92 9.96 13.86
CA LEU B 85 -12.85 8.98 13.73
C LEU B 85 -12.58 8.76 12.24
N ALA B 86 -13.62 8.92 11.43
CA ALA B 86 -13.52 8.86 10.00
C ALA B 86 -12.89 10.16 9.45
N GLN B 87 -13.29 11.31 9.99
CA GLN B 87 -12.81 12.60 9.47
C GLN B 87 -11.29 12.77 9.69
N ARG B 88 -10.69 11.98 10.62
CA ARG B 88 -9.28 12.16 11.12
C ARG B 88 -8.28 11.92 10.00
N PRO B 89 -7.02 12.41 10.14
CA PRO B 89 -6.00 12.18 9.13
C PRO B 89 -5.68 10.69 9.00
N GLY B 90 -5.48 10.25 7.76
CA GLY B 90 -5.39 8.84 7.40
C GLY B 90 -6.74 8.29 6.97
N VAL B 91 -7.61 8.08 7.97
CA VAL B 91 -8.88 7.36 7.77
C VAL B 91 -9.76 8.13 6.77
N ARG B 92 -9.90 9.44 6.99
CA ARG B 92 -10.66 10.34 6.12
C ARG B 92 -10.39 10.00 4.66
N GLN B 93 -9.12 9.84 4.30
CA GLN B 93 -8.71 9.77 2.89
C GLN B 93 -9.02 8.39 2.31
N GLY B 94 -8.85 7.32 3.11
CA GLY B 94 -9.30 5.98 2.73
C GLY B 94 -10.74 6.00 2.21
N TRP B 95 -11.62 6.65 3.00
CA TRP B 95 -13.07 6.84 2.72
C TRP B 95 -13.29 7.62 1.42
N LEU B 96 -12.55 8.71 1.27
CA LEU B 96 -12.78 9.69 0.21
C LEU B 96 -12.26 9.16 -1.13
N ASN B 97 -11.32 8.21 -1.05
CA ASN B 97 -10.53 7.77 -2.19
C ASN B 97 -11.14 6.53 -2.82
N CYS B 98 -11.76 5.70 -1.96
CA CYS B 98 -12.55 4.50 -2.34
C CYS B 98 -13.60 4.84 -3.41
N GLN B 99 -13.52 4.17 -4.57
CA GLN B 99 -14.61 4.21 -5.54
C GLN B 99 -15.32 2.85 -5.49
N ARG B 100 -14.83 1.89 -4.69
CA ARG B 100 -15.29 0.52 -4.79
C ARG B 100 -14.90 -0.25 -3.54
N LEU B 101 -15.87 -0.90 -2.88
CA LEU B 101 -15.57 -1.60 -1.63
C LEU B 101 -16.13 -3.02 -1.64
N VAL B 102 -15.27 -3.98 -1.28
CA VAL B 102 -15.54 -5.40 -1.36
C VAL B 102 -15.56 -6.00 0.06
N ILE B 103 -16.55 -6.86 0.31
CA ILE B 103 -16.78 -7.38 1.65
C ILE B 103 -17.16 -8.87 1.54
N ASP B 104 -16.24 -9.75 1.98
CA ASP B 104 -16.52 -11.21 2.12
C ASP B 104 -16.98 -11.46 3.57
N GLU B 105 -17.72 -12.58 3.68
CA GLU B 105 -18.42 -13.10 4.89
C GLU B 105 -19.15 -11.94 5.57
N ILE B 106 -20.30 -11.60 4.96
CA ILE B 106 -21.19 -10.54 5.43
C ILE B 106 -22.18 -11.10 6.46
N SER B 107 -22.32 -12.43 6.43
CA SER B 107 -22.99 -13.22 7.44
C SER B 107 -22.75 -12.62 8.84
N MET B 108 -21.50 -12.22 9.09
CA MET B 108 -21.04 -11.87 10.40
C MET B 108 -20.97 -10.33 10.59
N VAL B 109 -21.73 -9.56 9.81
CA VAL B 109 -21.83 -8.10 9.99
C VAL B 109 -23.25 -7.75 10.46
N GLU B 110 -23.39 -7.05 11.60
CA GLU B 110 -24.76 -6.70 12.14
C GLU B 110 -25.19 -5.32 11.61
N ALA B 111 -26.52 -5.14 11.53
CA ALA B 111 -27.08 -4.05 10.74
C ALA B 111 -26.89 -2.73 11.46
N ASP B 112 -26.90 -2.74 12.80
CA ASP B 112 -26.66 -1.52 13.59
C ASP B 112 -25.34 -0.89 13.11
N LEU B 113 -24.39 -1.77 12.75
CA LEU B 113 -23.09 -1.43 12.19
C LEU B 113 -23.25 -0.95 10.75
N PHE B 114 -23.75 -1.84 9.87
CA PHE B 114 -23.87 -1.55 8.44
C PHE B 114 -24.55 -0.19 8.23
N ASP B 115 -25.56 0.12 9.06
CA ASP B 115 -26.30 1.38 8.99
C ASP B 115 -25.37 2.54 9.37
N LYS B 116 -24.73 2.43 10.56
CA LYS B 116 -23.79 3.40 11.06
C LYS B 116 -22.65 3.65 10.06
N LEU B 117 -22.30 2.65 9.25
CA LEU B 117 -21.31 2.81 8.17
C LEU B 117 -21.91 3.57 6.97
N GLU B 118 -23.10 3.17 6.49
CA GLU B 118 -23.76 3.80 5.32
C GLU B 118 -23.85 5.30 5.56
N ALA B 119 -24.17 5.63 6.81
CA ALA B 119 -24.22 7.01 7.25
C ALA B 119 -22.86 7.67 7.00
N VAL B 120 -21.83 7.11 7.64
CA VAL B 120 -20.49 7.71 7.66
C VAL B 120 -20.05 8.01 6.23
N ALA B 121 -20.40 7.11 5.32
CA ALA B 121 -20.09 7.23 3.90
C ALA B 121 -20.61 8.58 3.41
N ARG B 122 -21.94 8.75 3.41
CA ARG B 122 -22.57 9.95 2.85
C ARG B 122 -22.00 11.19 3.54
N ALA B 123 -21.69 11.03 4.83
CA ALA B 123 -21.10 12.07 5.64
C ALA B 123 -19.74 12.48 5.05
N VAL B 124 -18.67 11.76 5.41
CA VAL B 124 -17.33 12.26 5.16
C VAL B 124 -17.14 12.56 3.66
N ARG B 125 -17.66 11.69 2.78
CA ARG B 125 -17.55 11.82 1.28
C ARG B 125 -18.39 12.98 0.73
N GLN B 126 -19.56 13.23 1.33
CA GLN B 126 -20.50 14.24 0.86
C GLN B 126 -20.90 13.94 -0.59
N GLN B 127 -21.64 12.84 -0.75
CA GLN B 127 -22.72 12.82 -1.67
C GLN B 127 -23.93 12.43 -0.82
N ASN B 128 -25.12 12.82 -1.29
CA ASN B 128 -26.30 12.40 -0.63
C ASN B 128 -26.91 11.19 -1.35
N LYS B 129 -26.09 10.46 -2.14
CA LYS B 129 -26.41 9.10 -2.70
C LYS B 129 -26.30 8.06 -1.59
N PRO B 130 -26.55 6.75 -1.84
CA PRO B 130 -26.37 5.73 -0.81
C PRO B 130 -24.89 5.31 -0.78
N PHE B 131 -24.46 4.94 0.44
CA PHE B 131 -23.10 4.62 0.83
C PHE B 131 -22.08 5.53 0.11
N GLY B 132 -22.43 6.79 -0.14
CA GLY B 132 -21.48 7.81 -0.61
C GLY B 132 -21.07 7.63 -2.06
N GLY B 133 -21.80 6.77 -2.78
CA GLY B 133 -21.55 6.51 -4.20
C GLY B 133 -20.85 5.20 -4.45
N ILE B 134 -20.22 4.67 -3.39
CA ILE B 134 -19.17 3.63 -3.43
C ILE B 134 -19.70 2.29 -3.98
N GLN B 135 -19.07 1.77 -5.04
CA GLN B 135 -19.50 0.52 -5.66
C GLN B 135 -19.34 -0.59 -4.64
N LEU B 136 -20.48 -1.07 -4.12
CA LEU B 136 -20.55 -2.10 -3.09
C LEU B 136 -20.58 -3.48 -3.75
N ILE B 137 -19.48 -4.23 -3.56
CA ILE B 137 -19.32 -5.64 -3.98
C ILE B 137 -19.29 -6.50 -2.70
N ILE B 138 -20.37 -7.25 -2.49
CA ILE B 138 -20.54 -8.02 -1.30
C ILE B 138 -20.93 -9.46 -1.68
N CYS B 139 -20.52 -10.41 -0.82
CA CYS B 139 -20.99 -11.79 -0.84
C CYS B 139 -20.69 -12.48 0.51
N GLY B 140 -21.52 -13.48 0.82
CA GLY B 140 -21.43 -14.29 2.04
C GLY B 140 -22.63 -15.20 2.10
N ASP B 141 -22.73 -15.99 3.17
CA ASP B 141 -23.86 -16.91 3.32
C ASP B 141 -24.43 -16.74 4.73
N PHE B 142 -25.73 -16.40 4.80
CA PHE B 142 -26.40 -16.01 6.05
C PHE B 142 -26.71 -17.28 6.86
N LEU B 143 -27.03 -18.39 6.18
CA LEU B 143 -27.28 -19.66 6.88
C LEU B 143 -26.02 -20.23 7.52
N GLN B 144 -24.83 -19.68 7.18
CA GLN B 144 -23.55 -20.04 7.83
C GLN B 144 -23.54 -19.46 9.25
N LEU B 145 -22.76 -18.39 9.49
CA LEU B 145 -22.57 -17.90 10.86
C LEU B 145 -23.26 -16.55 11.04
N PRO B 146 -24.00 -16.39 12.16
CA PRO B 146 -24.54 -15.09 12.54
C PRO B 146 -23.45 -14.27 13.21
N PRO B 147 -23.62 -12.94 13.21
CA PRO B 147 -22.64 -12.05 13.80
C PRO B 147 -22.66 -12.26 15.31
N VAL B 148 -21.65 -11.65 15.94
CA VAL B 148 -21.30 -11.86 17.31
C VAL B 148 -22.12 -10.91 18.20
N THR B 149 -22.72 -11.50 19.22
CA THR B 149 -23.71 -10.88 20.09
C THR B 149 -23.04 -9.81 20.98
N LYS B 150 -23.41 -8.52 20.84
CA LYS B 150 -22.86 -7.36 21.64
C LYS B 150 -23.54 -7.26 23.01
N GLY B 151 -24.80 -6.79 23.04
CA GLY B 151 -25.62 -6.57 24.26
C GLY B 151 -26.34 -7.84 24.71
N SER B 152 -27.60 -7.70 25.13
CA SER B 152 -28.39 -8.82 25.70
C SER B 152 -29.23 -9.53 24.62
N GLN B 153 -29.76 -8.75 23.67
CA GLN B 153 -30.72 -9.19 22.61
C GLN B 153 -30.07 -10.19 21.65
N PRO B 154 -30.85 -10.98 20.86
CA PRO B 154 -30.29 -11.70 19.70
C PRO B 154 -29.72 -10.74 18.67
N PRO B 155 -28.52 -10.97 18.08
CA PRO B 155 -27.94 -10.01 17.13
C PRO B 155 -28.74 -10.07 15.82
N ARG B 156 -28.33 -9.24 14.87
CA ARG B 156 -29.24 -8.71 13.89
C ARG B 156 -28.57 -8.84 12.52
N PHE B 157 -29.18 -9.61 11.60
CA PHE B 157 -28.51 -9.93 10.32
C PHE B 157 -28.42 -8.70 9.41
N CYS B 158 -27.36 -8.67 8.58
CA CYS B 158 -27.12 -7.47 7.80
C CYS B 158 -28.23 -7.21 6.74
N PHE B 159 -29.06 -8.21 6.42
CA PHE B 159 -30.10 -7.99 5.39
C PHE B 159 -31.27 -7.25 6.00
N GLN B 160 -31.30 -7.17 7.35
CA GLN B 160 -32.38 -6.49 8.07
C GLN B 160 -31.98 -5.04 8.37
N SER B 161 -30.90 -4.55 7.76
CA SER B 161 -30.56 -3.14 7.84
C SER B 161 -31.58 -2.29 7.07
N LYS B 162 -31.65 -1.02 7.49
CA LYS B 162 -32.55 -0.03 6.92
C LYS B 162 -32.00 0.40 5.52
N SER B 163 -30.67 0.42 5.42
CA SER B 163 -29.93 0.76 4.19
C SER B 163 -29.98 -0.39 3.19
N TRP B 164 -30.01 -1.62 3.68
CA TRP B 164 -29.67 -2.77 2.84
C TRP B 164 -30.24 -2.58 1.44
N LYS B 165 -31.56 -2.55 1.35
CA LYS B 165 -32.20 -2.66 0.06
C LYS B 165 -31.78 -1.44 -0.80
N ARG B 166 -31.68 -0.27 -0.14
CA ARG B 166 -31.31 1.02 -0.78
C ARG B 166 -29.97 0.84 -1.47
N CYS B 167 -29.06 0.15 -0.77
CA CYS B 167 -27.64 0.03 -1.13
C CYS B 167 -27.38 -1.05 -2.19
N VAL B 168 -28.00 -2.23 -2.06
CA VAL B 168 -27.61 -3.43 -2.84
C VAL B 168 -28.84 -4.02 -3.48
N PRO B 169 -29.38 -3.35 -4.50
CA PRO B 169 -30.70 -3.68 -5.00
C PRO B 169 -30.65 -5.01 -5.75
N VAL B 170 -29.51 -5.27 -6.40
CA VAL B 170 -29.39 -6.41 -7.27
C VAL B 170 -28.62 -7.51 -6.55
N THR B 171 -29.19 -8.73 -6.57
CA THR B 171 -28.66 -9.93 -5.84
C THR B 171 -28.54 -11.10 -6.84
N LEU B 172 -27.40 -11.82 -6.84
CA LEU B 172 -27.20 -13.08 -7.66
C LEU B 172 -26.66 -14.24 -6.81
N GLU B 173 -26.90 -15.43 -7.37
CA GLU B 173 -26.78 -16.66 -6.62
C GLU B 173 -25.75 -17.58 -7.27
N LEU B 174 -24.96 -18.25 -6.43
CA LEU B 174 -24.09 -19.32 -6.82
C LEU B 174 -24.65 -20.60 -6.19
N THR B 175 -24.73 -21.65 -7.00
CA THR B 175 -25.54 -22.80 -6.64
C THR B 175 -24.72 -24.11 -6.61
N LYS B 176 -23.64 -24.21 -7.42
CA LYS B 176 -22.90 -25.48 -7.51
C LYS B 176 -21.78 -25.50 -6.47
N VAL B 177 -21.76 -26.62 -5.73
CA VAL B 177 -20.88 -26.84 -4.59
C VAL B 177 -19.59 -27.45 -5.15
N TRP B 178 -18.65 -26.56 -5.44
CA TRP B 178 -17.39 -26.92 -6.02
C TRP B 178 -16.53 -27.67 -4.99
N ARG B 179 -16.30 -27.06 -3.82
CA ARG B 179 -15.41 -27.58 -2.76
C ARG B 179 -15.61 -29.09 -2.57
N GLN B 180 -16.86 -29.54 -2.61
CA GLN B 180 -17.11 -30.92 -2.34
C GLN B 180 -17.07 -31.79 -3.61
N ALA B 181 -16.52 -32.97 -3.34
CA ALA B 181 -16.38 -34.06 -4.25
C ALA B 181 -17.75 -34.69 -4.56
N ASP B 182 -18.11 -35.56 -3.59
CA ASP B 182 -19.11 -36.60 -3.67
C ASP B 182 -20.49 -35.94 -3.68
N GLN B 183 -21.32 -36.27 -4.65
CA GLN B 183 -22.64 -35.69 -4.68
C GLN B 183 -23.41 -35.98 -3.39
N THR B 184 -23.25 -37.16 -2.79
CA THR B 184 -24.08 -37.54 -1.63
C THR B 184 -23.61 -36.82 -0.35
N PHE B 185 -22.40 -36.27 -0.39
CA PHE B 185 -21.90 -35.41 0.67
C PHE B 185 -22.44 -33.99 0.47
N ILE B 186 -22.48 -33.56 -0.80
CA ILE B 186 -23.06 -32.27 -1.18
C ILE B 186 -24.48 -32.19 -0.60
N SER B 187 -25.20 -33.30 -0.74
CA SER B 187 -26.59 -33.42 -0.32
C SER B 187 -26.69 -33.70 1.20
N LEU B 188 -25.70 -34.35 1.82
CA LEU B 188 -25.71 -34.46 3.27
C LEU B 188 -25.65 -33.05 3.85
N LEU B 189 -24.77 -32.22 3.28
CA LEU B 189 -24.56 -30.79 3.65
C LEU B 189 -25.86 -29.98 3.48
N GLN B 190 -26.32 -29.94 2.23
CA GLN B 190 -27.33 -28.99 1.83
C GLN B 190 -28.61 -29.19 2.65
N ALA B 191 -28.71 -30.29 3.41
CA ALA B 191 -29.83 -30.55 4.35
C ALA B 191 -29.55 -29.94 5.73
N VAL B 192 -28.32 -30.12 6.22
CA VAL B 192 -27.93 -29.53 7.47
C VAL B 192 -28.05 -28.00 7.37
N ARG B 193 -27.66 -27.43 6.22
CA ARG B 193 -27.81 -26.00 6.02
C ARG B 193 -29.23 -25.55 6.40
N LEU B 194 -30.23 -26.24 5.83
CA LEU B 194 -31.65 -25.83 5.75
C LEU B 194 -32.46 -26.59 6.79
N GLY B 195 -31.73 -27.17 7.76
CA GLY B 195 -32.16 -27.32 9.14
C GLY B 195 -33.02 -28.55 9.38
N ARG B 196 -32.62 -29.66 8.72
CA ARG B 196 -33.34 -30.94 8.65
C ARG B 196 -32.32 -32.06 8.90
N CYS B 197 -32.41 -32.70 10.07
CA CYS B 197 -31.50 -33.77 10.37
C CYS B 197 -32.20 -35.13 10.18
N SER B 198 -32.41 -35.52 8.92
CA SER B 198 -32.99 -36.84 8.56
C SER B 198 -32.12 -37.98 9.11
N ASP B 199 -32.66 -39.21 9.19
CA ASP B 199 -31.85 -40.32 9.72
C ASP B 199 -30.71 -40.61 8.74
N GLU B 200 -30.93 -40.35 7.45
CA GLU B 200 -29.87 -40.50 6.45
C GLU B 200 -28.66 -39.63 6.83
N VAL B 201 -28.95 -38.45 7.40
CA VAL B 201 -27.93 -37.52 7.86
C VAL B 201 -27.25 -38.13 9.08
N THR B 202 -28.09 -38.46 10.08
CA THR B 202 -27.66 -38.93 11.38
C THR B 202 -26.76 -40.17 11.19
N ARG B 203 -27.10 -41.03 10.21
CA ARG B 203 -26.33 -42.26 9.92
C ARG B 203 -24.97 -41.88 9.30
N GLN B 204 -24.97 -41.35 8.06
CA GLN B 204 -23.73 -41.17 7.28
C GLN B 204 -22.73 -40.30 8.02
N LEU B 205 -23.17 -39.56 9.06
CA LEU B 205 -22.30 -38.68 9.89
C LEU B 205 -21.69 -39.45 11.07
N GLN B 206 -22.53 -40.12 11.86
CA GLN B 206 -22.11 -40.91 13.05
C GLN B 206 -21.08 -41.97 12.65
N ALA B 207 -21.28 -42.51 11.44
CA ALA B 207 -20.33 -43.35 10.75
C ALA B 207 -18.89 -42.95 11.08
N THR B 208 -18.58 -41.70 10.78
CA THR B 208 -17.21 -41.23 10.63
C THR B 208 -16.54 -40.98 12.00
N ALA B 209 -17.00 -41.66 13.06
CA ALA B 209 -16.30 -41.62 14.37
C ALA B 209 -15.15 -42.64 14.40
N SER B 210 -15.40 -43.84 13.84
CA SER B 210 -14.38 -44.86 13.65
C SER B 210 -13.83 -44.81 12.20
N HIS B 211 -13.83 -43.60 11.61
CA HIS B 211 -12.97 -43.23 10.46
C HIS B 211 -11.62 -42.82 10.99
N LYS B 212 -10.56 -43.16 10.24
CA LYS B 212 -9.16 -42.84 10.56
C LYS B 212 -8.73 -41.63 9.74
N VAL B 213 -8.74 -40.44 10.36
CA VAL B 213 -8.98 -39.22 9.59
C VAL B 213 -7.68 -38.42 9.41
N GLY B 214 -6.82 -38.39 10.43
CA GLY B 214 -5.44 -37.94 10.22
C GLY B 214 -4.87 -38.48 8.92
N ARG B 215 -3.95 -37.74 8.29
CA ARG B 215 -3.42 -38.06 6.93
C ARG B 215 -1.91 -38.37 7.04
N ASP B 216 -1.02 -37.61 6.39
CA ASP B 216 0.37 -38.08 6.10
C ASP B 216 1.41 -37.50 7.11
N GLY B 217 1.21 -37.85 8.39
CA GLY B 217 1.95 -37.32 9.54
C GLY B 217 1.62 -35.86 9.82
N ILE B 218 0.33 -35.45 9.62
CA ILE B 218 -0.33 -34.14 10.11
C ILE B 218 -1.86 -34.32 10.26
N VAL B 219 -2.52 -33.48 11.10
CA VAL B 219 -4.04 -33.39 11.21
C VAL B 219 -4.48 -31.92 11.28
N ALA B 220 -5.54 -31.52 10.55
CA ALA B 220 -5.94 -30.06 10.41
C ALA B 220 -6.85 -29.60 11.55
N THR B 221 -6.86 -30.47 12.57
CA THR B 221 -7.97 -31.14 13.22
C THR B 221 -8.86 -30.21 14.06
N ARG B 222 -9.45 -30.85 15.09
CA ARG B 222 -10.50 -30.40 16.02
C ARG B 222 -10.82 -28.92 15.83
N LEU B 223 -11.99 -28.70 15.24
CA LEU B 223 -12.68 -27.47 15.35
C LEU B 223 -13.37 -27.44 16.73
N CYS B 224 -13.13 -26.38 17.51
CA CYS B 224 -13.89 -26.15 18.74
C CYS B 224 -14.68 -24.84 18.65
N THR B 225 -15.67 -24.71 19.53
CA THR B 225 -16.55 -23.57 19.55
C THR B 225 -15.92 -22.45 20.35
N HIS B 226 -15.73 -22.66 21.65
CA HIS B 226 -15.13 -21.68 22.54
C HIS B 226 -13.61 -21.68 22.26
N GLN B 227 -12.98 -20.50 22.31
CA GLN B 227 -11.53 -20.34 21.95
C GLN B 227 -10.63 -20.89 23.07
N ASP B 228 -11.08 -20.77 24.33
CA ASP B 228 -10.39 -21.36 25.46
C ASP B 228 -10.01 -22.80 25.09
N ASP B 229 -11.04 -23.58 24.73
CA ASP B 229 -10.95 -25.02 24.46
C ASP B 229 -9.80 -25.27 23.48
N VAL B 230 -9.71 -24.43 22.42
CA VAL B 230 -8.68 -24.52 21.35
C VAL B 230 -7.31 -24.11 21.88
N ALA B 231 -7.27 -22.96 22.56
CA ALA B 231 -6.07 -22.38 23.15
C ALA B 231 -5.33 -23.46 23.95
N LEU B 232 -6.04 -24.09 24.89
CA LEU B 232 -5.51 -25.19 25.66
C LEU B 232 -4.91 -26.23 24.70
N THR B 233 -5.69 -26.72 23.72
CA THR B 233 -5.37 -27.95 22.98
C THR B 233 -4.33 -27.75 21.86
N ASN B 234 -3.76 -26.55 21.71
CA ASN B 234 -2.51 -26.40 20.95
C ASN B 234 -1.32 -26.57 21.92
N GLU B 235 -1.37 -25.84 23.04
CA GLU B 235 -0.30 -25.75 24.08
C GLU B 235 -0.14 -27.09 24.78
N ARG B 236 -1.27 -27.69 25.16
CA ARG B 236 -1.30 -28.98 25.81
C ARG B 236 -0.59 -30.02 24.91
N ARG B 237 -0.88 -29.99 23.59
CA ARG B 237 -0.39 -31.01 22.62
C ARG B 237 0.97 -30.62 22.01
N LEU B 238 1.46 -29.39 22.25
CA LEU B 238 2.84 -28.95 21.88
C LEU B 238 3.82 -29.27 23.02
N GLN B 239 3.50 -28.79 24.23
CA GLN B 239 4.35 -28.98 25.41
C GLN B 239 4.34 -30.45 25.85
N GLU B 240 3.47 -31.27 25.25
CA GLU B 240 3.54 -32.72 25.32
C GLU B 240 4.68 -33.24 24.42
N LEU B 241 4.71 -32.79 23.15
CA LEU B 241 5.80 -33.06 22.18
C LEU B 241 7.13 -32.63 22.81
N PRO B 242 8.13 -33.55 23.01
CA PRO B 242 9.22 -33.31 23.97
C PRO B 242 10.35 -32.32 23.58
N GLY B 243 10.77 -32.33 22.30
CA GLY B 243 12.06 -31.75 21.77
C GLY B 243 12.36 -30.28 22.12
N LYS B 244 13.23 -29.67 21.29
CA LYS B 244 13.73 -28.30 21.43
C LYS B 244 12.58 -27.27 21.31
N VAL B 245 12.37 -26.40 22.30
CA VAL B 245 11.50 -25.20 22.09
C VAL B 245 12.33 -24.11 21.40
N HIS B 246 11.76 -23.46 20.39
CA HIS B 246 12.28 -22.18 19.88
C HIS B 246 11.14 -21.17 19.95
N ARG B 247 11.36 -20.05 20.66
CA ARG B 247 10.39 -18.93 20.69
CA ARG B 247 10.37 -18.96 20.68
C ARG B 247 10.60 -18.07 19.44
N PHE B 248 9.65 -17.14 19.19
CA PHE B 248 9.70 -16.13 18.11
C PHE B 248 8.75 -14.96 18.45
N GLU B 249 9.33 -13.82 18.88
CA GLU B 249 8.54 -12.62 19.21
CA GLU B 249 8.54 -12.63 19.21
C GLU B 249 8.39 -11.76 17.94
N ALA B 250 7.36 -10.91 17.94
CA ALA B 250 7.12 -9.96 16.86
C ALA B 250 7.99 -8.73 17.10
N MET B 251 8.07 -7.84 16.10
CA MET B 251 8.96 -6.67 16.13
C MET B 251 8.22 -5.45 15.58
N ASP B 252 7.43 -4.81 16.43
CA ASP B 252 6.28 -4.04 15.95
C ASP B 252 6.51 -2.53 16.01
N SER B 253 6.10 -1.84 14.93
CA SER B 253 6.04 -0.36 14.81
C SER B 253 5.77 0.26 16.18
N ASN B 254 4.55 0.05 16.68
CA ASN B 254 4.18 0.43 18.05
C ASN B 254 3.91 -0.83 18.86
N PRO B 255 4.81 -1.24 19.80
CA PRO B 255 4.61 -2.47 20.58
C PRO B 255 3.52 -2.33 21.66
N GLU B 256 3.09 -1.10 21.90
CA GLU B 256 2.17 -0.78 22.97
C GLU B 256 0.71 -0.91 22.49
N LEU B 257 0.51 -1.20 21.19
CA LEU B 257 -0.83 -1.43 20.57
C LEU B 257 -0.95 -2.85 20.04
N ALA B 258 -0.01 -3.73 20.41
CA ALA B 258 0.12 -5.09 19.84
C ALA B 258 -1.17 -5.90 20.08
N SER B 259 -2.01 -5.45 21.01
CA SER B 259 -3.33 -6.03 21.22
C SER B 259 -4.22 -5.79 19.98
N THR B 260 -4.20 -4.57 19.42
CA THR B 260 -5.01 -4.24 18.19
C THR B 260 -4.42 -4.94 16.96
N LEU B 261 -3.12 -5.23 16.99
CA LEU B 261 -2.45 -6.06 15.99
C LEU B 261 -2.88 -7.50 16.17
N ASP B 262 -2.58 -8.07 17.34
CA ASP B 262 -3.06 -9.39 17.71
C ASP B 262 -4.44 -9.61 17.06
N ALA B 263 -5.40 -8.74 17.44
CA ALA B 263 -6.85 -8.89 17.20
C ALA B 263 -7.18 -8.93 15.72
N GLN B 264 -6.78 -7.86 15.01
CA GLN B 264 -7.16 -7.65 13.61
C GLN B 264 -6.30 -8.52 12.69
N CYS B 265 -5.07 -8.81 13.14
CA CYS B 265 -4.08 -9.64 12.44
C CYS B 265 -4.51 -11.11 12.56
N PRO B 266 -4.08 -11.97 11.62
CA PRO B 266 -4.21 -13.41 11.82
C PRO B 266 -3.21 -14.13 12.76
N VAL B 267 -2.05 -13.51 13.11
CA VAL B 267 -0.93 -14.21 13.86
C VAL B 267 -0.80 -13.64 15.28
N SER B 268 0.05 -14.33 16.06
CA SER B 268 0.28 -14.05 17.47
C SER B 268 1.57 -13.26 17.70
N GLN B 269 1.55 -12.50 18.79
CA GLN B 269 2.66 -11.74 19.40
C GLN B 269 3.94 -12.61 19.53
N LEU B 270 3.77 -13.77 20.18
CA LEU B 270 4.85 -14.69 20.53
C LEU B 270 4.47 -16.07 20.02
N LEU B 271 5.39 -16.73 19.31
CA LEU B 271 5.09 -17.98 18.57
C LEU B 271 6.15 -19.04 18.90
N GLN B 272 5.70 -20.28 19.09
CA GLN B 272 6.51 -21.29 19.76
C GLN B 272 6.40 -22.66 19.10
N LEU B 273 7.45 -23.01 18.34
CA LEU B 273 7.57 -24.24 17.53
C LEU B 273 8.56 -25.21 18.17
N LYS B 274 8.29 -26.51 17.98
CA LYS B 274 9.22 -27.61 18.26
C LYS B 274 9.41 -28.44 17.00
N LEU B 275 10.52 -29.20 16.95
CA LEU B 275 10.82 -30.13 15.86
C LEU B 275 9.66 -31.13 15.74
N GLY B 276 8.64 -30.75 14.98
CA GLY B 276 7.52 -31.65 14.67
C GLY B 276 6.14 -31.07 14.92
N ALA B 277 6.04 -29.83 15.40
CA ALA B 277 4.74 -29.24 15.68
C ALA B 277 3.89 -29.19 14.38
N GLN B 278 2.56 -29.16 14.55
CA GLN B 278 1.54 -29.05 13.47
C GLN B 278 1.23 -27.57 13.20
N VAL B 279 1.36 -27.09 11.95
CA VAL B 279 1.15 -25.62 11.68
C VAL B 279 0.30 -25.37 10.42
N MET B 280 -0.25 -24.14 10.39
CA MET B 280 -1.00 -23.58 9.25
C MET B 280 -0.39 -22.23 8.80
N LEU B 281 -0.29 -22.09 7.47
CA LEU B 281 0.22 -20.90 6.78
C LEU B 281 -0.94 -19.92 6.56
N VAL B 282 -0.77 -18.64 6.94
CA VAL B 282 -1.91 -17.66 7.03
C VAL B 282 -1.74 -16.46 6.08
N LYS B 283 -0.70 -16.52 5.25
CA LYS B 283 -0.42 -15.53 4.22
C LYS B 283 -0.15 -16.29 2.92
N ASN B 284 -0.15 -15.59 1.78
CA ASN B 284 -0.13 -16.24 0.46
C ASN B 284 1.29 -16.20 -0.09
N LEU B 285 2.09 -17.24 0.19
CA LEU B 285 3.53 -17.28 -0.13
C LEU B 285 3.79 -17.72 -1.59
N SER B 286 3.13 -18.78 -2.05
CA SER B 286 3.22 -19.22 -3.46
C SER B 286 1.83 -19.49 -4.02
N VAL B 287 1.48 -18.66 -5.01
CA VAL B 287 0.35 -18.84 -5.91
C VAL B 287 0.27 -20.34 -6.27
N SER B 288 1.34 -20.81 -6.90
CA SER B 288 1.38 -22.02 -7.69
C SER B 288 1.70 -23.25 -6.85
N ARG B 289 2.80 -23.20 -6.09
CA ARG B 289 3.35 -24.34 -5.34
CA ARG B 289 3.32 -24.39 -5.39
C ARG B 289 2.37 -24.78 -4.24
N GLY B 290 1.29 -24.01 -4.10
CA GLY B 290 0.20 -24.41 -3.25
C GLY B 290 0.42 -23.98 -1.81
N LEU B 291 1.34 -23.03 -1.64
CA LEU B 291 1.65 -22.45 -0.33
C LEU B 291 0.78 -21.22 -0.14
N VAL B 292 -0.44 -21.42 0.40
CA VAL B 292 -1.56 -20.46 0.34
C VAL B 292 -2.29 -20.40 1.70
N ASN B 293 -3.07 -19.32 1.89
CA ASN B 293 -3.81 -19.11 3.13
C ASN B 293 -4.73 -20.29 3.37
N GLY B 294 -4.29 -21.17 4.28
CA GLY B 294 -5.03 -22.36 4.74
C GLY B 294 -4.24 -23.66 4.61
N ALA B 295 -2.92 -23.57 4.40
CA ALA B 295 -2.09 -24.75 4.07
C ALA B 295 -1.59 -25.45 5.34
N ARG B 296 -1.73 -26.78 5.36
CA ARG B 296 -1.37 -27.63 6.49
C ARG B 296 0.01 -28.26 6.26
N GLY B 297 0.89 -28.14 7.25
CA GLY B 297 2.19 -28.80 7.19
C GLY B 297 2.70 -29.11 8.59
N VAL B 298 3.99 -29.47 8.66
CA VAL B 298 4.58 -29.89 9.91
C VAL B 298 6.06 -29.46 9.96
N VAL B 299 6.53 -29.16 11.18
CA VAL B 299 7.85 -28.56 11.46
C VAL B 299 8.91 -29.67 11.43
N VAL B 300 9.54 -29.86 10.27
CA VAL B 300 10.53 -30.94 10.05
C VAL B 300 11.90 -30.55 10.64
N GLY B 301 12.21 -29.25 10.70
CA GLY B 301 13.50 -28.86 11.26
C GLY B 301 13.66 -27.36 11.39
N PHE B 302 14.89 -26.97 11.73
CA PHE B 302 15.34 -25.59 11.83
C PHE B 302 16.58 -25.40 10.94
N GLU B 303 17.31 -24.32 11.19
CA GLU B 303 18.70 -24.22 10.78
C GLU B 303 19.53 -23.91 12.04
N ALA B 304 20.86 -23.95 11.88
CA ALA B 304 21.80 -23.57 12.93
C ALA B 304 21.96 -22.04 12.99
N GLU B 305 21.53 -21.34 11.91
CA GLU B 305 21.54 -19.85 11.82
C GLU B 305 20.10 -19.34 11.65
N GLY B 306 19.96 -18.08 11.22
CA GLY B 306 18.65 -17.44 11.14
C GLY B 306 18.27 -16.88 12.49
N ARG B 307 17.08 -17.23 12.97
CA ARG B 307 16.66 -17.02 14.39
C ARG B 307 16.21 -18.39 14.93
N GLY B 308 16.71 -19.44 14.28
CA GLY B 308 16.13 -20.78 14.24
C GLY B 308 15.14 -20.87 13.10
N LEU B 309 15.62 -20.65 11.86
CA LEU B 309 14.77 -20.57 10.65
C LEU B 309 13.96 -21.86 10.49
N PRO B 310 12.62 -21.87 10.72
CA PRO B 310 11.86 -23.13 10.73
C PRO B 310 11.51 -23.68 9.35
N GLN B 311 11.71 -24.99 9.17
CA GLN B 311 11.32 -25.70 7.95
C GLN B 311 9.93 -26.28 8.18
N VAL B 312 9.22 -26.52 7.07
CA VAL B 312 7.93 -27.15 7.09
C VAL B 312 7.83 -27.99 5.82
N ARG B 313 7.51 -29.29 5.97
CA ARG B 313 6.89 -30.05 4.89
C ARG B 313 5.40 -29.84 5.01
N PHE B 314 4.79 -29.43 3.89
CA PHE B 314 3.35 -29.28 3.74
C PHE B 314 2.78 -30.59 3.18
N LEU B 315 1.56 -30.88 3.62
CA LEU B 315 0.81 -31.98 3.11
C LEU B 315 0.64 -31.82 1.59
N CYS B 316 0.68 -30.59 1.07
CA CYS B 316 0.48 -30.36 -0.38
C CYS B 316 1.70 -30.82 -1.20
N GLY B 317 2.68 -31.42 -0.51
CA GLY B 317 3.86 -32.05 -1.12
C GLY B 317 5.14 -31.33 -0.71
N VAL B 318 5.17 -30.02 -1.01
CA VAL B 318 6.37 -29.20 -0.99
C VAL B 318 6.84 -28.98 0.47
N THR B 319 8.16 -29.01 0.66
CA THR B 319 8.85 -28.56 1.87
C THR B 319 9.60 -27.26 1.54
N GLU B 320 9.51 -26.30 2.49
CA GLU B 320 10.07 -24.96 2.32
CA GLU B 320 10.03 -24.94 2.32
C GLU B 320 10.43 -24.39 3.70
N VAL B 321 11.20 -23.30 3.66
CA VAL B 321 11.65 -22.62 4.84
C VAL B 321 10.97 -21.23 4.87
N ILE B 322 10.50 -20.87 6.06
CA ILE B 322 9.64 -19.73 6.30
C ILE B 322 10.48 -18.60 6.92
N HIS B 323 10.52 -17.45 6.24
CA HIS B 323 11.01 -16.20 6.85
C HIS B 323 9.77 -15.50 7.47
N ALA B 324 9.95 -14.31 8.06
CA ALA B 324 8.83 -13.54 8.64
C ALA B 324 8.31 -12.54 7.61
N ASP B 325 7.14 -11.94 7.87
CA ASP B 325 6.51 -11.06 6.89
C ASP B 325 6.26 -9.69 7.51
N ARG B 326 5.21 -8.99 7.01
CA ARG B 326 4.85 -7.66 7.46
C ARG B 326 3.35 -7.41 7.19
N TRP B 327 2.54 -7.54 8.24
CA TRP B 327 1.16 -7.09 8.24
C TRP B 327 1.08 -5.59 8.56
N THR B 328 -0.03 -4.94 8.17
CA THR B 328 -0.30 -3.53 8.50
CA THR B 328 -0.29 -3.54 8.53
C THR B 328 -1.78 -3.35 8.86
N VAL B 329 -2.05 -2.59 9.94
CA VAL B 329 -3.42 -2.33 10.43
C VAL B 329 -3.63 -0.83 10.61
N GLN B 330 -4.77 -0.35 10.09
CA GLN B 330 -5.15 1.07 10.03
C GLN B 330 -6.02 1.40 11.25
N ALA B 331 -5.60 0.93 12.42
CA ALA B 331 -6.47 0.82 13.57
C ALA B 331 -6.70 2.20 14.19
N THR B 332 -7.96 2.39 14.65
CA THR B 332 -8.60 3.65 15.07
C THR B 332 -7.56 4.67 15.50
N GLY B 333 -7.12 5.52 14.57
CA GLY B 333 -5.97 6.37 14.80
C GLY B 333 -5.73 7.39 13.70
N GLY B 334 -5.63 6.89 12.47
CA GLY B 334 -4.87 7.53 11.41
C GLY B 334 -3.44 7.02 11.41
N GLN B 335 -3.23 5.94 12.19
CA GLN B 335 -1.95 5.42 12.53
C GLN B 335 -1.82 4.01 11.97
N LEU B 336 -0.58 3.66 11.59
CA LEU B 336 -0.28 2.40 11.00
C LEU B 336 0.63 1.58 11.90
N LEU B 337 0.21 0.33 12.06
CA LEU B 337 0.95 -0.64 12.79
C LEU B 337 1.51 -1.65 11.79
N SER B 338 2.85 -1.75 11.75
CA SER B 338 3.51 -2.88 11.14
C SER B 338 3.47 -4.07 12.11
N ARG B 339 3.84 -5.24 11.59
CA ARG B 339 4.08 -6.46 12.35
C ARG B 339 5.10 -7.27 11.58
N GLN B 340 6.18 -7.67 12.24
CA GLN B 340 7.12 -8.61 11.66
CA GLN B 340 7.21 -8.57 11.72
C GLN B 340 7.08 -9.90 12.47
N GLN B 341 6.69 -10.98 11.77
CA GLN B 341 6.46 -12.28 12.39
C GLN B 341 6.41 -13.35 11.30
N LEU B 342 6.67 -14.59 11.70
CA LEU B 342 6.38 -15.72 10.87
C LEU B 342 4.88 -15.74 10.55
N PRO B 343 4.52 -15.90 9.27
CA PRO B 343 3.14 -16.21 8.90
C PRO B 343 2.68 -17.65 9.24
N LEU B 344 2.75 -18.04 10.53
CA LEU B 344 2.32 -19.40 10.94
C LEU B 344 1.41 -19.33 12.18
N GLN B 345 0.62 -20.40 12.38
CA GLN B 345 -0.15 -20.64 13.64
C GLN B 345 -0.26 -22.16 13.90
N LEU B 346 -0.59 -22.52 15.14
CA LEU B 346 -0.57 -23.91 15.63
C LEU B 346 -1.88 -24.65 15.32
N ALA B 347 -1.89 -25.46 14.26
CA ALA B 347 -3.15 -25.90 13.61
C ALA B 347 -3.63 -27.27 14.09
N TRP B 348 -3.31 -27.60 15.36
CA TRP B 348 -3.86 -28.77 16.08
C TRP B 348 -5.38 -28.62 16.17
N ALA B 349 -5.80 -27.53 16.83
CA ALA B 349 -7.19 -27.16 17.00
C ALA B 349 -7.41 -25.78 16.36
N MET B 350 -8.65 -25.54 15.90
CA MET B 350 -9.06 -24.29 15.28
C MET B 350 -10.44 -23.88 15.81
N SER B 351 -10.61 -22.57 16.07
CA SER B 351 -11.93 -22.02 16.40
C SER B 351 -12.80 -22.02 15.13
N ILE B 352 -14.10 -22.24 15.28
CA ILE B 352 -14.93 -22.35 14.08
C ILE B 352 -15.02 -20.99 13.39
N HIS B 353 -15.08 -19.89 14.15
CA HIS B 353 -14.97 -18.53 13.60
C HIS B 353 -13.90 -18.46 12.51
N LYS B 354 -12.70 -18.95 12.83
CA LYS B 354 -11.54 -18.83 11.93
C LYS B 354 -11.78 -19.71 10.69
N SER B 355 -12.43 -20.86 10.92
CA SER B 355 -12.75 -21.88 9.90
C SER B 355 -13.68 -21.32 8.81
N GLN B 356 -14.60 -20.42 9.18
CA GLN B 356 -15.55 -19.89 8.21
C GLN B 356 -14.79 -18.97 7.28
N GLY B 357 -14.99 -19.18 5.96
CA GLY B 357 -14.26 -18.55 4.84
C GLY B 357 -13.29 -19.52 4.15
N MET B 358 -12.91 -20.57 4.88
CA MET B 358 -11.77 -21.45 4.60
C MET B 358 -12.22 -22.88 4.24
N THR B 359 -11.30 -23.65 3.63
CA THR B 359 -11.48 -25.05 3.12
C THR B 359 -10.61 -26.02 3.94
N LEU B 360 -10.95 -27.32 4.02
CA LEU B 360 -10.05 -28.33 4.68
C LEU B 360 -10.33 -29.79 4.29
N ASP B 361 -9.38 -30.68 4.65
CA ASP B 361 -9.30 -32.09 4.14
C ASP B 361 -8.80 -33.02 5.25
N CYS B 362 -9.01 -32.61 6.49
CA CYS B 362 -8.39 -33.29 7.56
C CYS B 362 -8.93 -32.82 8.92
N VAL B 363 -10.26 -32.77 9.03
CA VAL B 363 -10.96 -32.15 10.16
C VAL B 363 -11.54 -33.20 11.11
N GLU B 364 -11.36 -32.89 12.40
CA GLU B 364 -12.08 -33.47 13.51
C GLU B 364 -13.01 -32.37 14.01
N ILE B 365 -14.07 -32.79 14.72
CA ILE B 365 -15.13 -31.91 15.19
C ILE B 365 -15.99 -32.73 16.16
N SER B 366 -16.29 -32.16 17.34
CA SER B 366 -17.12 -32.85 18.31
C SER B 366 -18.51 -32.21 18.40
N LEU B 367 -19.54 -33.04 18.15
CA LEU B 367 -20.94 -32.59 18.05
C LEU B 367 -21.86 -33.50 18.89
N GLY B 368 -21.71 -33.48 20.21
CA GLY B 368 -22.65 -34.16 21.12
C GLY B 368 -23.23 -33.18 22.13
N ARG B 369 -24.01 -32.20 21.63
CA ARG B 369 -24.32 -31.02 22.44
C ARG B 369 -25.50 -30.26 21.81
N VAL B 370 -25.49 -28.93 21.96
CA VAL B 370 -26.22 -27.96 21.08
C VAL B 370 -25.33 -26.73 20.81
N PHE B 371 -25.52 -26.14 19.63
CA PHE B 371 -24.63 -25.14 19.04
C PHE B 371 -25.49 -24.03 18.38
N ALA B 372 -25.11 -22.75 18.56
CA ALA B 372 -25.95 -21.56 18.20
C ALA B 372 -26.02 -21.32 16.68
N SER B 373 -27.25 -21.19 16.18
CA SER B 373 -27.64 -21.44 14.78
C SER B 373 -26.42 -21.53 13.86
N GLY B 374 -26.19 -22.73 13.32
CA GLY B 374 -25.45 -22.89 12.05
C GLY B 374 -24.00 -23.23 12.26
N GLN B 375 -23.53 -23.01 13.50
CA GLN B 375 -22.22 -23.46 13.96
C GLN B 375 -21.94 -24.86 13.38
N ALA B 376 -22.98 -25.71 13.40
CA ALA B 376 -23.00 -27.09 12.86
C ALA B 376 -22.61 -27.13 11.37
N TYR B 377 -23.41 -26.46 10.51
CA TYR B 377 -23.25 -26.48 9.03
C TYR B 377 -21.90 -25.89 8.61
N VAL B 378 -21.30 -25.01 9.43
CA VAL B 378 -20.03 -24.43 9.03
C VAL B 378 -18.96 -25.52 9.15
N ALA B 379 -18.96 -26.19 10.29
CA ALA B 379 -17.90 -27.12 10.63
C ALA B 379 -17.92 -28.38 9.75
N LEU B 380 -19.09 -28.80 9.30
CA LEU B 380 -19.18 -29.98 8.45
C LEU B 380 -18.87 -29.62 7.00
N SER B 381 -18.98 -28.35 6.61
CA SER B 381 -18.74 -27.93 5.23
C SER B 381 -17.25 -27.63 5.01
N ARG B 382 -16.47 -27.64 6.11
CA ARG B 382 -15.05 -27.36 6.02
C ARG B 382 -14.40 -28.49 5.19
N ALA B 383 -14.61 -29.74 5.63
CA ALA B 383 -14.13 -31.00 4.95
C ALA B 383 -14.34 -31.02 3.42
N ARG B 384 -13.36 -31.54 2.67
CA ARG B 384 -13.51 -31.50 1.24
C ARG B 384 -14.29 -32.72 0.77
N SER B 385 -13.87 -33.89 1.25
CA SER B 385 -14.64 -35.08 1.04
C SER B 385 -14.92 -35.75 2.37
N LEU B 386 -16.13 -36.31 2.40
CA LEU B 386 -16.74 -36.96 3.52
C LEU B 386 -15.74 -37.91 4.16
N GLN B 387 -14.97 -38.60 3.30
CA GLN B 387 -14.14 -39.69 3.75
C GLN B 387 -13.14 -39.19 4.80
N GLY B 388 -12.81 -37.89 4.74
CA GLY B 388 -11.75 -37.29 5.59
C GLY B 388 -12.25 -36.45 6.77
N LEU B 389 -13.27 -36.96 7.48
CA LEU B 389 -13.97 -36.21 8.53
C LEU B 389 -14.20 -37.12 9.73
N ARG B 390 -13.83 -36.68 10.94
CA ARG B 390 -14.13 -37.44 12.15
C ARG B 390 -15.17 -36.70 13.00
N VAL B 391 -16.39 -37.25 13.05
CA VAL B 391 -17.53 -36.66 13.77
C VAL B 391 -17.84 -37.47 15.05
N LEU B 392 -17.42 -36.88 16.16
CA LEU B 392 -17.48 -37.51 17.45
C LEU B 392 -18.83 -37.18 18.12
N ASP B 393 -19.54 -38.25 18.52
CA ASP B 393 -20.79 -38.21 19.32
C ASP B 393 -21.86 -37.41 18.62
N PHE B 394 -21.93 -37.49 17.28
CA PHE B 394 -22.85 -36.63 16.51
C PHE B 394 -24.26 -36.63 17.13
N ASP B 395 -24.95 -35.47 17.12
CA ASP B 395 -26.31 -35.40 17.66
C ASP B 395 -27.18 -34.37 16.95
N PRO B 396 -28.27 -34.81 16.30
CA PRO B 396 -29.23 -33.89 15.69
C PRO B 396 -29.62 -32.65 16.51
N MET B 397 -29.92 -32.76 17.81
CA MET B 397 -30.34 -31.59 18.61
C MET B 397 -29.35 -30.43 18.42
N ALA B 398 -28.19 -30.72 17.80
CA ALA B 398 -27.07 -29.75 17.54
C ALA B 398 -27.09 -29.16 16.11
N VAL B 399 -27.95 -29.68 15.24
CA VAL B 399 -28.19 -29.12 13.94
C VAL B 399 -29.28 -28.06 14.09
N ARG B 400 -28.88 -26.78 14.11
CA ARG B 400 -29.75 -25.69 14.55
C ARG B 400 -29.84 -24.61 13.47
N CYS B 401 -31.07 -24.13 13.23
CA CYS B 401 -31.36 -23.24 12.12
C CYS B 401 -31.65 -21.82 12.57
N ASP B 402 -32.00 -20.93 11.62
CA ASP B 402 -32.50 -19.59 11.96
C ASP B 402 -33.54 -19.13 10.94
N PRO B 403 -34.81 -19.49 11.16
CA PRO B 403 -35.85 -19.28 10.16
C PRO B 403 -35.87 -17.88 9.54
N ARG B 404 -35.51 -16.86 10.33
CA ARG B 404 -35.43 -15.48 9.83
C ARG B 404 -34.81 -15.53 8.41
N VAL B 405 -33.66 -16.20 8.38
CA VAL B 405 -32.82 -16.32 7.22
C VAL B 405 -33.56 -17.18 6.21
N LEU B 406 -33.94 -18.37 6.67
CA LEU B 406 -34.56 -19.31 5.80
C LEU B 406 -35.66 -18.64 4.98
N HIS B 407 -36.50 -17.79 5.60
CA HIS B 407 -37.48 -17.04 4.82
C HIS B 407 -36.76 -16.14 3.81
N PHE B 408 -35.71 -15.44 4.25
CA PHE B 408 -34.99 -14.50 3.41
C PHE B 408 -34.70 -15.15 2.06
N TYR B 409 -33.94 -16.24 2.11
CA TYR B 409 -33.47 -16.95 0.92
C TYR B 409 -34.66 -17.52 0.13
N ALA B 410 -35.77 -17.76 0.83
CA ALA B 410 -36.99 -18.23 0.23
C ALA B 410 -37.74 -17.11 -0.52
N THR B 411 -37.71 -15.87 -0.01
CA THR B 411 -38.28 -14.76 -0.75
C THR B 411 -37.38 -14.39 -1.95
N LEU B 412 -36.12 -14.86 -1.95
CA LEU B 412 -35.19 -14.70 -3.11
C LEU B 412 -35.41 -15.78 -4.16
N ARG B 413 -35.95 -16.93 -3.75
CA ARG B 413 -36.50 -17.89 -4.70
C ARG B 413 -37.71 -17.26 -5.41
N ARG B 414 -38.68 -16.79 -4.62
CA ARG B 414 -40.04 -16.49 -5.11
C ARG B 414 -40.08 -15.16 -5.86
N GLY B 415 -38.90 -14.56 -6.03
CA GLY B 415 -38.52 -13.78 -7.19
C GLY B 415 -37.48 -14.55 -8.00
N ARG B 416 -37.95 -15.42 -8.90
CA ARG B 416 -37.16 -16.46 -9.54
C ARG B 416 -36.32 -15.87 -10.68
#